data_2FYD
#
_entry.id   2FYD
#
_cell.length_a   58.068
_cell.length_b   95.376
_cell.length_c   100.389
_cell.angle_alpha   90.00
_cell.angle_beta   101.33
_cell.angle_gamma   90.00
#
_symmetry.space_group_name_H-M   'P 1 21 1'
#
loop_
_entity.id
_entity.type
_entity.pdbx_description
1 polymer Alpha-lactalbumin
2 polymer beta-1,4-galactosyltransferase
3 non-polymer 'CALCIUM ION'
4 non-polymer 'TETRAETHYLENE GLYCOL'
5 non-polymer '2-(N-MORPHOLINO)-ETHANESULFONIC ACID'
6 non-polymer beta-D-glucopyranose
7 non-polymer 2-acetamido-2-deoxy-beta-D-galactopyranose
8 non-polymer 'MANGANESE (II) ION'
9 non-polymer "URIDINE-5'-DIPHOSPHATE"
10 water water
#
loop_
_entity_poly.entity_id
_entity_poly.type
_entity_poly.pdbx_seq_one_letter_code
_entity_poly.pdbx_strand_id
1 'polypeptide(L)'
;TELTKCKVSHAIKDIDGYQGISLLEWACVLFHTSGYDTQAVVNDNGSTEYGLFQISDRFWCKSSEFPESENICGISCDKL
LDDELDDDIACAKKILAIKGIDYWKAYKPMCSEKLEQWRCEKP
;
A,C
2 'polypeptide(L)'
;ASMTGGQQMGRGSSLTACPEESPLLVGPMLIEFNIPVDLKLVEQQNPKVKLGGRYTPMDCISPHKVAIIIPFRNRQEHLK
YWLYYLHPILQRQQLDYGIYVINQAGESMFNRAKLLNVGFKEALKDYDYNCFVFSDVDLIPMNDHNTYRCFSQPRHISVA
MDKFGFSLPYVQYFGGVSALSKQQFLSINGFPNNYCGWGGEDDDIYNRLAFRGMSVSRPNAVIGKTRMIRHSRDKKNEPN
PQRFDRIAHTKETMLSDGLNSLTYMVLEVQRYPLYTKITVDIGTCS
;
B,D
#
loop_
_chem_comp.id
_chem_comp.type
_chem_comp.name
_chem_comp.formula
BGC D-saccharide, beta linking beta-D-glucopyranose 'C6 H12 O6'
CA non-polymer 'CALCIUM ION' 'Ca 2'
MES non-polymer '2-(N-MORPHOLINO)-ETHANESULFONIC ACID' 'C6 H13 N O4 S'
MN non-polymer 'MANGANESE (II) ION' 'Mn 2'
NGA D-saccharide, beta linking 2-acetamido-2-deoxy-beta-D-galactopyranose 'C8 H15 N O6'
PG4 non-polymer 'TETRAETHYLENE GLYCOL' 'C8 H18 O5'
UDP RNA linking URIDINE-5'-DIPHOSPHATE 'C9 H14 N2 O12 P2'
#
# COMPACT_ATOMS: atom_id res chain seq x y z
N THR A 1 -2.68 -28.59 7.02
CA THR A 1 -3.19 -27.24 6.64
C THR A 1 -2.46 -26.15 7.42
N GLU A 2 -2.06 -25.09 6.72
CA GLU A 2 -1.39 -23.96 7.37
C GLU A 2 -2.44 -23.04 7.97
N LEU A 3 -2.59 -23.10 9.30
CA LEU A 3 -3.60 -22.30 10.00
C LEU A 3 -3.10 -20.88 10.29
N THR A 4 -4.00 -20.02 10.76
CA THR A 4 -3.59 -18.65 11.10
C THR A 4 -3.48 -18.58 12.63
N LYS A 5 -2.90 -17.49 13.14
CA LYS A 5 -2.71 -17.30 14.57
C LYS A 5 -4.04 -17.37 15.32
N CYS A 6 -5.06 -16.73 14.76
CA CYS A 6 -6.37 -16.74 15.39
C CYS A 6 -7.08 -18.08 15.29
N LYS A 7 -6.84 -18.82 14.22
CA LYS A 7 -7.47 -20.12 14.08
C LYS A 7 -6.87 -21.03 15.17
N VAL A 8 -5.55 -20.96 15.31
CA VAL A 8 -4.87 -21.75 16.33
C VAL A 8 -5.35 -21.32 17.70
N SER A 9 -5.33 -20.01 17.96
CA SER A 9 -5.76 -19.53 19.27
C SER A 9 -7.12 -20.01 19.66
N HIS A 10 -8.09 -19.93 18.74
CA HIS A 10 -9.39 -20.41 19.13
C HIS A 10 -9.37 -21.91 19.38
N ALA A 11 -8.71 -22.66 18.50
CA ALA A 11 -8.64 -24.11 18.65
C ALA A 11 -8.05 -24.56 19.99
N ILE A 12 -6.99 -23.89 20.47
CA ILE A 12 -6.38 -24.32 21.73
C ILE A 12 -6.75 -23.55 22.98
N LYS A 13 -7.86 -22.81 22.92
CA LYS A 13 -8.31 -22.01 24.06
C LYS A 13 -8.30 -22.75 25.40
N ASP A 14 -8.71 -24.02 25.40
CA ASP A 14 -8.77 -24.85 26.61
C ASP A 14 -7.39 -25.19 27.24
N ILE A 15 -6.33 -24.59 26.72
CA ILE A 15 -4.99 -24.85 27.24
C ILE A 15 -4.44 -23.57 27.89
N ASP A 16 -5.17 -22.47 27.74
CA ASP A 16 -4.73 -21.18 28.29
C ASP A 16 -4.56 -21.25 29.79
N GLY A 17 -3.39 -20.83 30.27
CA GLY A 17 -3.11 -20.83 31.70
C GLY A 17 -2.67 -22.14 32.35
N TYR A 18 -2.79 -23.26 31.64
CA TYR A 18 -2.38 -24.55 32.18
C TYR A 18 -0.87 -24.61 32.42
N GLN A 19 -0.47 -25.03 33.63
CA GLN A 19 0.93 -25.13 33.98
C GLN A 19 1.52 -23.71 33.91
N GLY A 20 0.66 -22.71 33.97
CA GLY A 20 1.10 -21.32 33.95
C GLY A 20 1.46 -20.68 32.60
N ILE A 21 1.27 -21.39 31.49
CA ILE A 21 1.58 -20.86 30.17
C ILE A 21 0.33 -20.21 29.55
N SER A 22 0.46 -18.97 29.09
CA SER A 22 -0.68 -18.25 28.49
C SER A 22 -0.89 -18.53 27.00
N LEU A 23 -2.05 -18.11 26.50
CA LEU A 23 -2.40 -18.26 25.10
C LEU A 23 -1.48 -17.42 24.22
N LEU A 24 -1.06 -16.27 24.71
CA LEU A 24 -0.14 -15.44 23.94
C LEU A 24 1.16 -16.20 23.78
N GLU A 25 1.67 -16.72 24.90
CA GLU A 25 2.92 -17.49 24.84
C GLU A 25 2.79 -18.69 23.89
N TRP A 26 1.66 -19.41 23.95
CA TRP A 26 1.47 -20.55 23.04
C TRP A 26 1.40 -20.11 21.57
N ALA A 27 0.69 -19.01 21.31
CA ALA A 27 0.62 -18.52 19.93
C ALA A 27 2.05 -18.30 19.41
N CYS A 28 2.89 -17.66 20.23
CA CYS A 28 4.28 -17.39 19.87
C CYS A 28 5.05 -18.69 19.69
N VAL A 29 4.96 -19.60 20.67
CA VAL A 29 5.63 -20.90 20.60
C VAL A 29 5.33 -21.74 19.35
N LEU A 30 4.04 -21.89 19.02
CA LEU A 30 3.66 -22.72 17.87
C LEU A 30 4.04 -22.14 16.51
N PHE A 31 4.11 -20.81 16.38
CA PHE A 31 4.54 -20.25 15.09
C PHE A 31 5.99 -20.66 14.83
N HIS A 32 6.86 -20.52 15.83
CA HIS A 32 8.27 -20.86 15.62
C HIS A 32 8.55 -22.37 15.59
N THR A 33 7.62 -23.15 16.14
CA THR A 33 7.78 -24.61 16.19
C THR A 33 7.37 -25.31 14.89
N SER A 34 6.21 -24.96 14.34
CA SER A 34 5.68 -25.62 13.14
C SER A 34 5.15 -24.67 12.07
N GLY A 35 5.21 -23.35 12.31
CA GLY A 35 4.68 -22.39 11.37
C GLY A 35 3.17 -22.54 11.27
N TYR A 36 2.57 -23.10 12.33
CA TYR A 36 1.11 -23.34 12.40
C TYR A 36 0.64 -24.38 11.36
N ASP A 37 1.56 -25.20 10.85
CA ASP A 37 1.22 -26.24 9.85
C ASP A 37 0.87 -27.57 10.55
N THR A 38 -0.39 -27.96 10.50
CA THR A 38 -0.84 -29.19 11.15
C THR A 38 -0.25 -30.47 10.54
N GLN A 39 0.42 -30.37 9.38
CA GLN A 39 1.01 -31.54 8.77
C GLN A 39 2.54 -31.51 8.87
N ALA A 40 3.08 -30.58 9.66
CA ALA A 40 4.54 -30.48 9.80
C ALA A 40 5.22 -31.79 10.25
N VAL A 41 6.26 -32.21 9.54
CA VAL A 41 6.98 -33.42 9.92
C VAL A 41 8.45 -33.04 9.89
N VAL A 42 9.12 -33.14 11.03
CA VAL A 42 10.53 -32.76 11.06
C VAL A 42 11.43 -33.78 11.70
N ASN A 43 12.52 -34.10 11.02
CA ASN A 43 13.45 -35.03 11.62
C ASN A 43 14.35 -34.26 12.57
N ASP A 44 14.55 -34.85 13.73
CA ASP A 44 15.41 -34.27 14.75
C ASP A 44 16.72 -35.01 14.59
N ASN A 45 16.64 -36.12 13.86
CA ASN A 45 17.72 -37.06 13.54
C ASN A 45 17.70 -38.26 14.47
N GLY A 46 17.14 -39.36 13.97
CA GLY A 46 17.00 -40.56 14.76
C GLY A 46 15.57 -40.56 15.24
N SER A 47 15.05 -39.36 15.49
CA SER A 47 13.66 -39.22 15.94
C SER A 47 12.90 -38.30 14.97
N THR A 48 11.57 -38.31 15.06
CA THR A 48 10.75 -37.49 14.21
C THR A 48 9.67 -36.77 14.99
N GLU A 49 9.43 -35.50 14.67
CA GLU A 49 8.44 -34.71 15.40
C GLU A 49 7.27 -34.37 14.45
N TYR A 50 6.07 -34.42 15.02
CA TYR A 50 4.82 -34.30 14.27
C TYR A 50 3.80 -33.23 14.57
N GLY A 51 3.30 -32.62 13.50
CA GLY A 51 2.23 -31.64 13.60
C GLY A 51 2.49 -30.30 14.22
N LEU A 52 1.38 -29.62 14.54
CA LEU A 52 1.36 -28.28 15.12
C LEU A 52 2.27 -28.11 16.34
N PHE A 53 2.21 -29.09 17.23
CA PHE A 53 2.97 -29.10 18.46
C PHE A 53 4.37 -29.73 18.35
N GLN A 54 4.66 -30.35 17.20
CA GLN A 54 5.92 -31.07 16.99
C GLN A 54 6.22 -32.10 18.10
N ILE A 55 5.27 -33.01 18.28
CA ILE A 55 5.32 -34.09 19.28
C ILE A 55 6.20 -35.21 18.74
N SER A 56 7.24 -35.57 19.49
CA SER A 56 8.22 -36.58 19.08
C SER A 56 7.86 -38.07 19.25
N ASP A 57 8.27 -38.92 18.29
CA ASP A 57 8.02 -40.36 18.43
C ASP A 57 9.05 -41.05 19.36
N ARG A 58 10.00 -40.27 19.86
CA ARG A 58 11.02 -40.84 20.76
C ARG A 58 10.37 -41.35 22.03
N PHE A 59 9.49 -40.56 22.63
CA PHE A 59 8.84 -40.93 23.88
C PHE A 59 7.33 -40.77 23.92
N TRP A 60 6.81 -39.88 23.07
CA TRP A 60 5.39 -39.52 23.16
C TRP A 60 4.32 -40.17 22.28
N CYS A 61 4.61 -40.42 21.01
CA CYS A 61 3.62 -41.08 20.13
C CYS A 61 4.28 -42.28 19.45
N LYS A 62 3.49 -43.23 18.96
CA LYS A 62 4.05 -44.41 18.29
C LYS A 62 4.03 -44.24 16.77
N SER A 63 5.19 -44.38 16.15
CA SER A 63 5.31 -44.25 14.71
C SER A 63 5.64 -45.61 14.13
N SER A 64 5.63 -45.73 12.79
CA SER A 64 5.95 -47.03 12.18
C SER A 64 7.46 -47.27 12.22
N GLU A 65 8.22 -46.20 12.07
CA GLU A 65 9.67 -46.27 12.08
C GLU A 65 10.25 -46.63 13.45
N PHE A 66 9.51 -46.30 14.51
CA PHE A 66 9.94 -46.58 15.87
C PHE A 66 8.73 -47.09 16.66
N PRO A 67 8.39 -48.39 16.49
CA PRO A 67 7.26 -49.09 17.13
C PRO A 67 7.45 -49.38 18.61
N GLU A 68 8.70 -49.57 19.03
CA GLU A 68 8.99 -49.85 20.44
C GLU A 68 8.97 -48.59 21.31
N SER A 69 8.43 -47.48 20.77
CA SER A 69 8.36 -46.23 21.52
C SER A 69 7.58 -46.37 22.83
N GLU A 70 7.96 -45.55 23.80
CA GLU A 70 7.31 -45.49 25.08
C GLU A 70 5.83 -45.15 24.83
N ASN A 71 5.57 -44.33 23.81
CA ASN A 71 4.20 -43.93 23.45
C ASN A 71 3.43 -43.42 24.68
N ILE A 72 4.05 -42.50 25.42
CA ILE A 72 3.42 -41.98 26.63
C ILE A 72 2.02 -41.41 26.40
N CYS A 73 1.79 -40.80 25.23
CA CYS A 73 0.47 -40.24 24.94
C CYS A 73 -0.55 -41.28 24.49
N GLY A 74 -0.07 -42.49 24.24
CA GLY A 74 -0.95 -43.57 23.82
C GLY A 74 -1.70 -43.29 22.53
N ILE A 75 -0.97 -42.90 21.50
CA ILE A 75 -1.59 -42.56 20.25
C ILE A 75 -0.61 -42.71 19.10
N SER A 76 -1.13 -42.98 17.91
CA SER A 76 -0.32 -43.12 16.70
C SER A 76 0.10 -41.70 16.30
N CYS A 77 1.34 -41.53 15.85
CA CYS A 77 1.78 -40.19 15.46
C CYS A 77 0.99 -39.64 14.25
N ASP A 78 0.41 -40.53 13.44
CA ASP A 78 -0.37 -40.08 12.26
C ASP A 78 -1.61 -39.28 12.67
N LYS A 79 -2.12 -39.51 13.88
CA LYS A 79 -3.30 -38.78 14.40
C LYS A 79 -2.94 -37.32 14.73
N LEU A 80 -1.64 -37.03 14.63
CA LEU A 80 -1.13 -35.70 14.93
C LEU A 80 -0.86 -34.88 13.66
N LEU A 81 -1.22 -35.44 12.50
CA LEU A 81 -1.04 -34.74 11.24
C LEU A 81 -2.37 -34.36 10.56
N ASP A 82 -3.45 -34.21 11.32
CA ASP A 82 -4.73 -33.81 10.72
C ASP A 82 -5.20 -32.48 11.32
N ASP A 83 -6.37 -31.99 10.91
CA ASP A 83 -6.90 -30.72 11.41
C ASP A 83 -7.77 -30.81 12.67
N GLU A 84 -7.77 -31.96 13.33
CA GLU A 84 -8.54 -32.17 14.57
C GLU A 84 -7.53 -32.17 15.72
N LEU A 85 -7.47 -31.02 16.39
CA LEU A 85 -6.51 -30.74 17.45
C LEU A 85 -6.79 -31.24 18.87
N ASP A 86 -7.96 -31.82 19.10
CA ASP A 86 -8.26 -32.31 20.44
C ASP A 86 -7.24 -33.33 20.94
N ASP A 87 -6.87 -34.32 20.11
CA ASP A 87 -5.94 -35.30 20.62
C ASP A 87 -4.50 -34.73 20.74
N ASP A 88 -4.12 -33.80 19.85
CA ASP A 88 -2.79 -33.15 19.91
C ASP A 88 -2.69 -32.39 21.23
N ILE A 89 -3.73 -31.66 21.56
CA ILE A 89 -3.76 -30.87 22.80
C ILE A 89 -3.67 -31.79 24.03
N ALA A 90 -4.39 -32.91 24.03
CA ALA A 90 -4.35 -33.82 25.17
C ALA A 90 -2.90 -34.31 25.39
N CYS A 91 -2.17 -34.57 24.29
CA CYS A 91 -0.79 -35.04 24.38
C CYS A 91 0.15 -33.92 24.87
N ALA A 92 -0.02 -32.73 24.33
CA ALA A 92 0.79 -31.60 24.73
C ALA A 92 0.61 -31.36 26.25
N LYS A 93 -0.62 -31.47 26.74
CA LYS A 93 -0.90 -31.32 28.17
C LYS A 93 -0.11 -32.36 28.98
N LYS A 94 0.01 -33.61 28.50
CA LYS A 94 0.82 -34.62 29.22
C LYS A 94 2.31 -34.23 29.26
N ILE A 95 2.82 -33.75 28.13
CA ILE A 95 4.23 -33.32 28.06
C ILE A 95 4.47 -32.16 29.03
N LEU A 96 3.54 -31.20 29.05
CA LEU A 96 3.67 -30.05 29.95
C LEU A 96 3.63 -30.46 31.42
N ALA A 97 2.76 -31.40 31.76
CA ALA A 97 2.66 -31.86 33.14
C ALA A 97 3.85 -32.71 33.59
N ILE A 98 4.47 -33.42 32.64
CA ILE A 98 5.58 -34.29 32.96
C ILE A 98 6.97 -33.67 32.79
N LYS A 99 7.21 -33.09 31.62
CA LYS A 99 8.49 -32.49 31.30
C LYS A 99 8.49 -31.00 31.48
N GLY A 100 7.38 -30.34 31.13
CA GLY A 100 7.32 -28.89 31.27
C GLY A 100 7.54 -28.17 29.94
N ILE A 101 7.40 -26.83 29.94
CA ILE A 101 7.53 -25.99 28.74
C ILE A 101 8.87 -26.10 28.03
N ASP A 102 9.93 -26.49 28.73
CA ASP A 102 11.26 -26.60 28.14
C ASP A 102 11.35 -27.60 26.98
N TYR A 103 10.33 -28.45 26.84
CA TYR A 103 10.30 -29.41 25.72
C TYR A 103 10.28 -28.55 24.46
N TRP A 104 9.54 -27.45 24.50
CA TRP A 104 9.43 -26.54 23.35
C TRP A 104 10.60 -25.54 23.42
N LYS A 105 11.68 -25.87 22.72
CA LYS A 105 12.88 -25.04 22.70
C LYS A 105 12.74 -23.62 22.22
N ALA A 106 11.70 -23.30 21.47
CA ALA A 106 11.52 -21.93 21.01
C ALA A 106 11.04 -20.98 22.10
N TYR A 107 10.49 -21.51 23.19
CA TYR A 107 9.92 -20.65 24.24
C TYR A 107 10.84 -19.57 24.79
N LYS A 108 11.96 -19.99 25.37
CA LYS A 108 12.92 -19.07 25.99
C LYS A 108 13.48 -18.02 25.02
N PRO A 109 14.08 -18.46 23.91
CA PRO A 109 14.62 -17.42 23.03
C PRO A 109 13.69 -16.50 22.25
N MET A 110 12.53 -17.00 21.84
CA MET A 110 11.62 -16.22 21.01
C MET A 110 10.34 -15.72 21.68
N CYS A 111 10.01 -16.20 22.87
CA CYS A 111 8.76 -15.81 23.49
C CYS A 111 8.85 -15.27 24.92
N SER A 112 9.97 -14.61 25.24
CA SER A 112 10.17 -14.08 26.57
C SER A 112 9.82 -12.60 26.63
N GLU A 113 9.61 -11.98 25.47
CA GLU A 113 9.27 -10.57 25.40
C GLU A 113 8.34 -10.30 24.24
N LYS A 114 7.83 -9.08 24.17
CA LYS A 114 6.93 -8.65 23.10
C LYS A 114 5.81 -9.67 22.86
N LEU A 115 5.09 -10.01 23.92
CA LEU A 115 4.03 -11.00 23.81
C LEU A 115 2.71 -10.46 23.29
N GLU A 116 2.50 -9.15 23.41
CA GLU A 116 1.24 -8.55 22.98
C GLU A 116 0.93 -8.70 21.48
N GLN A 117 1.97 -8.83 20.64
CA GLN A 117 1.76 -8.96 19.19
C GLN A 117 1.00 -10.25 18.89
N TRP A 118 1.11 -11.22 19.80
CA TRP A 118 0.49 -12.54 19.62
C TRP A 118 -0.99 -12.65 20.00
N ARG A 119 -1.58 -11.56 20.45
CA ARG A 119 -2.98 -11.55 20.84
C ARG A 119 -3.91 -11.68 19.64
N CYS A 120 -4.99 -12.44 19.79
CA CYS A 120 -5.98 -12.57 18.73
C CYS A 120 -7.21 -11.83 19.27
N GLU A 121 -7.69 -10.82 18.54
CA GLU A 121 -8.86 -10.06 18.98
C GLU A 121 -10.12 -10.59 18.27
N LYS A 122 -9.96 -11.62 17.44
CA LYS A 122 -11.07 -12.21 16.71
C LYS A 122 -11.70 -13.31 17.57
N PRO A 123 -12.81 -12.99 18.29
CA PRO A 123 -13.49 -13.97 19.14
C PRO A 123 -14.61 -14.72 18.39
N LEU B 15 27.10 16.77 -14.07
CA LEU B 15 25.84 16.22 -13.46
C LEU B 15 25.79 16.57 -11.98
N THR B 16 24.58 16.53 -11.42
CA THR B 16 24.37 16.83 -10.02
C THR B 16 23.72 15.63 -9.31
N ALA B 17 23.62 15.73 -7.99
CA ALA B 17 23.05 14.64 -7.19
C ALA B 17 21.64 14.23 -7.61
N CYS B 18 21.40 12.92 -7.69
CA CYS B 18 20.09 12.40 -8.04
C CYS B 18 19.11 12.93 -7.02
N PRO B 19 17.85 13.15 -7.40
CA PRO B 19 16.89 13.66 -6.42
C PRO B 19 16.64 12.66 -5.30
N GLU B 20 16.09 13.16 -4.19
CA GLU B 20 15.76 12.35 -3.02
C GLU B 20 14.86 11.16 -3.39
N GLU B 21 13.79 11.44 -4.12
CA GLU B 21 12.90 10.39 -4.59
C GLU B 21 13.02 10.42 -6.13
N SER B 22 13.17 9.26 -6.75
CA SER B 22 13.32 9.20 -8.19
C SER B 22 12.05 9.57 -8.92
N PRO B 23 12.17 10.35 -10.00
CA PRO B 23 10.99 10.74 -10.78
C PRO B 23 10.49 9.64 -11.73
N LEU B 24 11.23 8.53 -11.79
CA LEU B 24 10.88 7.43 -12.70
C LEU B 24 9.96 6.38 -12.09
N LEU B 25 9.83 6.39 -10.77
CA LEU B 25 8.98 5.43 -10.05
C LEU B 25 7.54 5.28 -10.55
N VAL B 26 7.06 4.03 -10.65
CA VAL B 26 5.69 3.78 -11.09
C VAL B 26 4.74 3.32 -9.97
N GLY B 27 5.28 2.98 -8.79
CA GLY B 27 4.42 2.52 -7.71
C GLY B 27 4.11 1.03 -7.85
N PRO B 28 2.88 0.57 -7.54
CA PRO B 28 2.44 -0.83 -7.64
C PRO B 28 2.65 -1.52 -8.99
N MET B 29 3.03 -2.80 -8.94
CA MET B 29 3.29 -3.56 -10.15
C MET B 29 2.63 -4.94 -10.07
N LEU B 30 2.19 -5.44 -11.22
CA LEU B 30 1.61 -6.77 -11.27
C LEU B 30 2.81 -7.70 -11.33
N ILE B 31 2.90 -8.59 -10.36
CA ILE B 31 4.00 -9.54 -10.31
C ILE B 31 3.48 -10.95 -10.49
N GLU B 32 3.82 -11.57 -11.61
CA GLU B 32 3.38 -12.94 -11.86
C GLU B 32 4.49 -13.83 -12.42
N PHE B 33 4.38 -15.12 -12.16
CA PHE B 33 5.39 -16.06 -12.63
C PHE B 33 4.77 -17.17 -13.51
N ASN B 34 4.01 -16.76 -14.51
CA ASN B 34 3.39 -17.74 -15.41
C ASN B 34 4.09 -17.84 -16.75
N ILE B 35 4.62 -16.71 -17.22
CA ILE B 35 5.30 -16.67 -18.51
C ILE B 35 6.80 -16.96 -18.43
N PRO B 36 7.30 -17.90 -19.27
CA PRO B 36 8.71 -18.28 -19.31
C PRO B 36 9.59 -17.06 -19.51
N VAL B 37 10.81 -17.10 -18.96
CA VAL B 37 11.72 -15.98 -19.10
C VAL B 37 12.98 -16.36 -19.87
N ASP B 38 13.37 -15.51 -20.82
CA ASP B 38 14.57 -15.74 -21.62
C ASP B 38 15.55 -14.64 -21.22
N LEU B 39 16.67 -15.01 -20.60
CA LEU B 39 17.64 -14.01 -20.19
C LEU B 39 18.15 -13.19 -21.36
N LYS B 40 18.19 -13.79 -22.55
CA LYS B 40 18.65 -13.04 -23.72
C LYS B 40 17.69 -11.86 -23.89
N LEU B 41 16.41 -12.12 -23.71
CA LEU B 41 15.44 -11.04 -23.83
C LEU B 41 15.67 -10.02 -22.72
N VAL B 42 15.99 -10.52 -21.53
CA VAL B 42 16.22 -9.64 -20.41
C VAL B 42 17.40 -8.71 -20.67
N GLU B 43 18.45 -9.23 -21.31
CA GLU B 43 19.62 -8.39 -21.63
C GLU B 43 19.19 -7.30 -22.61
N GLN B 44 18.43 -7.74 -23.61
CA GLN B 44 17.91 -6.90 -24.68
C GLN B 44 17.10 -5.72 -24.10
N GLN B 45 16.26 -6.03 -23.12
CA GLN B 45 15.42 -5.00 -22.47
C GLN B 45 16.20 -4.09 -21.53
N ASN B 46 17.39 -4.51 -21.11
CA ASN B 46 18.21 -3.73 -20.18
C ASN B 46 19.60 -3.43 -20.72
N PRO B 47 19.68 -2.78 -21.89
CA PRO B 47 20.94 -2.40 -22.55
C PRO B 47 21.94 -1.64 -21.71
N LYS B 48 21.47 -0.90 -20.71
CA LYS B 48 22.36 -0.11 -19.86
C LYS B 48 23.15 -0.92 -18.82
N VAL B 49 22.80 -2.19 -18.63
CA VAL B 49 23.52 -2.99 -17.64
C VAL B 49 24.82 -3.56 -18.21
N LYS B 50 25.94 -3.28 -17.53
CA LYS B 50 27.25 -3.75 -17.96
C LYS B 50 27.65 -5.15 -17.46
N LEU B 51 28.68 -5.71 -18.09
CA LEU B 51 29.17 -7.05 -17.75
C LEU B 51 29.41 -7.17 -16.24
N GLY B 52 28.78 -8.16 -15.63
CA GLY B 52 28.90 -8.33 -14.20
C GLY B 52 27.62 -7.85 -13.52
N GLY B 53 26.66 -7.42 -14.32
CA GLY B 53 25.39 -6.93 -13.80
C GLY B 53 25.56 -5.64 -13.04
N ARG B 54 26.32 -4.70 -13.60
CA ARG B 54 26.59 -3.41 -12.98
C ARG B 54 25.89 -2.28 -13.69
N TYR B 55 25.33 -1.35 -12.91
CA TYR B 55 24.62 -0.21 -13.49
C TYR B 55 24.90 1.06 -12.70
N THR B 56 25.13 2.16 -13.42
CA THR B 56 25.37 3.47 -12.81
C THR B 56 24.59 4.52 -13.60
N PRO B 57 23.82 5.37 -12.91
CA PRO B 57 23.05 6.39 -13.64
C PRO B 57 23.98 7.30 -14.45
N MET B 58 23.60 7.60 -15.69
CA MET B 58 24.39 8.51 -16.51
C MET B 58 23.71 9.87 -16.35
N ASP B 59 22.53 9.83 -15.74
CA ASP B 59 21.64 10.97 -15.47
C ASP B 59 22.04 11.88 -14.33
N CYS B 60 22.44 11.28 -13.22
CA CYS B 60 22.78 12.04 -12.04
C CYS B 60 23.77 11.20 -11.23
N ILE B 61 24.27 11.77 -10.15
CA ILE B 61 25.20 11.04 -9.29
C ILE B 61 24.43 10.48 -8.08
N SER B 62 24.44 9.16 -7.93
CA SER B 62 23.75 8.53 -6.82
C SER B 62 24.73 8.31 -5.68
N PRO B 63 24.30 8.59 -4.44
CA PRO B 63 25.17 8.40 -3.29
C PRO B 63 25.06 6.97 -2.79
N HIS B 64 24.14 6.21 -3.37
CA HIS B 64 23.92 4.83 -2.96
C HIS B 64 24.67 3.87 -3.88
N LYS B 65 25.84 3.40 -3.43
CA LYS B 65 26.65 2.43 -4.14
C LYS B 65 26.31 1.10 -3.45
N VAL B 66 25.35 0.41 -4.03
CA VAL B 66 24.77 -0.82 -3.51
C VAL B 66 25.20 -2.15 -4.13
N ALA B 67 25.64 -3.08 -3.29
CA ALA B 67 25.96 -4.42 -3.76
C ALA B 67 24.77 -5.32 -3.32
N ILE B 68 24.13 -5.98 -4.27
CA ILE B 68 23.00 -6.86 -3.95
C ILE B 68 23.51 -8.30 -3.94
N ILE B 69 23.43 -8.91 -2.75
CA ILE B 69 23.92 -10.26 -2.48
C ILE B 69 22.81 -11.31 -2.35
N ILE B 70 22.86 -12.33 -3.21
CA ILE B 70 21.87 -13.41 -3.24
C ILE B 70 22.46 -14.80 -2.89
N PRO B 71 22.05 -15.41 -1.76
CA PRO B 71 22.54 -16.74 -1.34
C PRO B 71 21.92 -17.72 -2.34
N PHE B 72 22.70 -18.70 -2.81
CA PHE B 72 22.21 -19.56 -3.91
C PHE B 72 22.75 -20.98 -4.02
N ARG B 73 21.88 -21.86 -4.50
CA ARG B 73 22.21 -23.26 -4.85
C ARG B 73 20.99 -23.90 -5.49
N ASN B 74 21.12 -24.25 -6.77
CA ASN B 74 20.04 -24.91 -7.51
C ASN B 74 18.70 -24.17 -7.58
N ARG B 75 18.74 -22.87 -7.84
CA ARG B 75 17.51 -22.09 -7.95
C ARG B 75 17.56 -21.27 -9.23
N GLN B 76 18.17 -21.81 -10.28
CA GLN B 76 18.33 -21.06 -11.53
C GLN B 76 17.01 -20.51 -12.10
N GLU B 77 15.96 -21.33 -12.07
CA GLU B 77 14.66 -20.86 -12.58
C GLU B 77 14.15 -19.66 -11.78
N HIS B 78 14.40 -19.63 -10.48
CA HIS B 78 13.98 -18.51 -9.63
C HIS B 78 14.78 -17.26 -10.01
N LEU B 79 16.10 -17.43 -10.14
CA LEU B 79 17.00 -16.35 -10.50
C LEU B 79 16.53 -15.64 -11.76
N LYS B 80 16.04 -16.40 -12.74
CA LYS B 80 15.58 -15.82 -13.99
C LYS B 80 14.48 -14.79 -13.76
N TYR B 81 13.48 -15.15 -12.96
CA TYR B 81 12.38 -14.23 -12.63
C TYR B 81 12.90 -13.03 -11.80
N TRP B 82 13.88 -13.28 -10.94
CA TRP B 82 14.44 -12.23 -10.08
C TRP B 82 15.11 -11.17 -10.95
N LEU B 83 15.93 -11.62 -11.92
CA LEU B 83 16.62 -10.72 -12.82
C LEU B 83 15.64 -9.99 -13.72
N TYR B 84 14.67 -10.73 -14.25
CA TYR B 84 13.64 -10.14 -15.11
C TYR B 84 12.92 -8.94 -14.47
N TYR B 85 12.52 -9.10 -13.21
CA TYR B 85 11.80 -8.04 -12.49
C TYR B 85 12.69 -6.96 -11.83
N LEU B 86 13.75 -7.36 -11.13
CA LEU B 86 14.57 -6.37 -10.44
C LEU B 86 15.44 -5.41 -11.26
N HIS B 87 16.06 -5.86 -12.34
CA HIS B 87 16.89 -4.93 -13.07
C HIS B 87 16.19 -3.64 -13.46
N PRO B 88 14.96 -3.74 -14.00
CA PRO B 88 14.27 -2.50 -14.37
C PRO B 88 13.94 -1.65 -13.12
N ILE B 89 13.48 -2.33 -12.06
CA ILE B 89 13.14 -1.63 -10.82
C ILE B 89 14.33 -0.84 -10.24
N LEU B 90 15.48 -1.50 -10.12
CA LEU B 90 16.66 -0.85 -9.56
C LEU B 90 17.15 0.33 -10.39
N GLN B 91 17.05 0.23 -11.72
CA GLN B 91 17.46 1.33 -12.58
C GLN B 91 16.50 2.50 -12.30
N ARG B 92 15.22 2.20 -12.14
CA ARG B 92 14.24 3.23 -11.83
C ARG B 92 14.56 3.92 -10.49
N GLN B 93 15.07 3.15 -9.52
CA GLN B 93 15.42 3.74 -8.23
C GLN B 93 16.75 4.53 -8.28
N GLN B 94 17.32 4.66 -9.48
CA GLN B 94 18.56 5.43 -9.66
C GLN B 94 19.71 5.03 -8.72
N LEU B 95 19.92 3.72 -8.59
CA LEU B 95 21.01 3.23 -7.74
C LEU B 95 22.25 2.88 -8.61
N ASP B 96 23.42 2.98 -7.99
CA ASP B 96 24.71 2.66 -8.60
C ASP B 96 24.94 1.28 -7.98
N TYR B 97 24.48 0.23 -8.68
CA TYR B 97 24.52 -1.14 -8.14
C TYR B 97 25.24 -2.25 -8.92
N GLY B 98 25.37 -3.38 -8.25
CA GLY B 98 26.00 -4.57 -8.82
C GLY B 98 25.30 -5.78 -8.23
N ILE B 99 25.08 -6.81 -9.04
CA ILE B 99 24.42 -8.04 -8.59
C ILE B 99 25.43 -9.17 -8.36
N TYR B 100 25.32 -9.83 -7.19
CA TYR B 100 26.19 -10.94 -6.83
C TYR B 100 25.43 -12.16 -6.34
N VAL B 101 25.59 -13.27 -7.07
CA VAL B 101 24.97 -14.54 -6.71
C VAL B 101 26.08 -15.43 -6.10
N ILE B 102 25.92 -15.77 -4.83
CA ILE B 102 26.89 -16.57 -4.13
C ILE B 102 26.39 -18.03 -4.09
N ASN B 103 26.97 -18.84 -4.98
CA ASN B 103 26.61 -20.24 -5.15
C ASN B 103 27.43 -21.19 -4.27
N GLN B 104 26.73 -21.96 -3.42
CA GLN B 104 27.41 -22.92 -2.55
C GLN B 104 27.78 -24.19 -3.30
N ALA B 105 29.06 -24.51 -3.32
CA ALA B 105 29.53 -25.72 -3.98
C ALA B 105 29.30 -26.91 -3.07
N GLY B 106 29.23 -28.11 -3.65
CA GLY B 106 29.05 -29.30 -2.85
C GLY B 106 27.62 -29.64 -2.50
N GLU B 107 27.45 -30.67 -1.68
CA GLU B 107 26.12 -31.13 -1.27
C GLU B 107 25.90 -31.20 0.24
N SER B 108 26.65 -30.42 1.02
CA SER B 108 26.47 -30.40 2.47
C SER B 108 25.30 -29.46 2.83
N MET B 109 24.94 -29.41 4.10
CA MET B 109 23.83 -28.58 4.54
C MET B 109 24.04 -27.16 4.03
N PHE B 110 22.96 -26.53 3.57
CA PHE B 110 22.99 -25.16 3.05
C PHE B 110 23.25 -24.18 4.20
N ASN B 111 24.07 -23.16 3.96
CA ASN B 111 24.41 -22.18 4.97
C ASN B 111 24.19 -20.75 4.40
N ARG B 112 22.95 -20.28 4.46
CA ARG B 112 22.59 -18.94 3.97
C ARG B 112 23.46 -17.80 4.50
N ALA B 113 23.53 -17.66 5.82
CA ALA B 113 24.29 -16.56 6.43
C ALA B 113 25.76 -16.49 6.06
N LYS B 114 26.43 -17.64 5.98
CA LYS B 114 27.85 -17.64 5.63
C LYS B 114 28.06 -17.17 4.17
N LEU B 115 27.15 -17.54 3.25
CA LEU B 115 27.25 -17.14 1.85
C LEU B 115 27.06 -15.61 1.73
N LEU B 116 26.21 -15.04 2.58
CA LEU B 116 26.00 -13.60 2.58
C LEU B 116 27.32 -12.95 3.04
N ASN B 117 28.00 -13.54 4.04
CA ASN B 117 29.29 -12.96 4.48
C ASN B 117 30.30 -12.97 3.30
N VAL B 118 30.28 -14.04 2.52
CA VAL B 118 31.16 -14.18 1.35
C VAL B 118 30.83 -13.08 0.36
N GLY B 119 29.54 -12.81 0.18
CA GLY B 119 29.11 -11.76 -0.73
C GLY B 119 29.71 -10.40 -0.34
N PHE B 120 29.60 -10.06 0.95
CA PHE B 120 30.14 -8.80 1.46
C PHE B 120 31.66 -8.68 1.14
N LYS B 121 32.45 -9.67 1.52
CA LYS B 121 33.89 -9.57 1.25
C LYS B 121 34.29 -9.59 -0.23
N GLU B 122 33.63 -10.41 -1.03
CA GLU B 122 33.97 -10.46 -2.44
C GLU B 122 33.49 -9.25 -3.24
N ALA B 123 32.37 -8.63 -2.87
CA ALA B 123 31.92 -7.46 -3.63
C ALA B 123 32.87 -6.30 -3.37
N LEU B 124 33.31 -6.15 -2.12
CA LEU B 124 34.24 -5.07 -1.78
C LEU B 124 35.55 -5.14 -2.60
N LYS B 125 35.80 -6.26 -3.27
CA LYS B 125 37.01 -6.37 -4.09
C LYS B 125 36.82 -5.66 -5.46
N ASP B 126 35.57 -5.53 -5.88
CA ASP B 126 35.25 -4.90 -7.15
C ASP B 126 35.11 -3.39 -7.15
N TYR B 127 34.48 -2.85 -6.10
CA TYR B 127 34.13 -1.44 -6.05
C TYR B 127 33.95 -0.97 -4.61
N ASP B 128 34.05 0.34 -4.40
CA ASP B 128 33.91 0.95 -3.07
C ASP B 128 32.44 1.04 -2.63
N TYR B 129 31.77 -0.11 -2.48
CA TYR B 129 30.36 -0.13 -2.07
C TYR B 129 30.18 0.39 -0.64
N ASN B 130 29.04 1.05 -0.38
CA ASN B 130 28.74 1.55 0.97
C ASN B 130 27.42 1.00 1.54
N CYS B 131 26.73 0.20 0.74
CA CYS B 131 25.45 -0.38 1.14
C CYS B 131 25.35 -1.80 0.62
N PHE B 132 24.81 -2.71 1.43
CA PHE B 132 24.68 -4.10 1.02
C PHE B 132 23.26 -4.54 1.20
N VAL B 133 22.62 -4.95 0.10
CA VAL B 133 21.26 -5.46 0.17
C VAL B 133 21.41 -6.96 0.09
N PHE B 134 20.83 -7.67 1.06
CA PHE B 134 20.86 -9.13 1.09
C PHE B 134 19.46 -9.64 0.74
N SER B 135 19.33 -10.29 -0.40
CA SER B 135 18.06 -10.77 -0.89
C SER B 135 17.91 -12.24 -1.27
N ASP B 136 16.90 -12.91 -0.73
CA ASP B 136 16.70 -14.29 -1.15
C ASP B 136 16.37 -14.22 -2.67
N VAL B 137 16.63 -15.33 -3.39
CA VAL B 137 16.44 -15.42 -4.85
C VAL B 137 14.98 -15.48 -5.33
N ASP B 138 14.07 -15.76 -4.40
CA ASP B 138 12.68 -15.93 -4.78
C ASP B 138 11.71 -14.83 -4.33
N LEU B 139 12.21 -13.64 -3.98
CA LEU B 139 11.33 -12.55 -3.55
C LEU B 139 11.37 -11.37 -4.48
N ILE B 140 10.19 -10.91 -4.91
CA ILE B 140 10.08 -9.76 -5.82
C ILE B 140 9.21 -8.68 -5.15
N PRO B 141 9.70 -7.44 -5.08
CA PRO B 141 8.90 -6.37 -4.47
C PRO B 141 7.77 -6.00 -5.43
N MET B 142 6.61 -5.65 -4.88
CA MET B 142 5.45 -5.28 -5.69
C MET B 142 5.18 -3.79 -5.88
N ASN B 143 5.97 -2.95 -5.22
CA ASN B 143 5.85 -1.50 -5.35
C ASN B 143 7.26 -0.92 -5.42
N ASP B 144 7.59 -0.19 -6.50
CA ASP B 144 8.96 0.33 -6.58
C ASP B 144 9.32 1.49 -5.65
N HIS B 145 8.41 1.87 -4.75
CA HIS B 145 8.72 2.91 -3.76
C HIS B 145 9.48 2.25 -2.59
N ASN B 146 9.55 0.93 -2.57
CA ASN B 146 10.26 0.18 -1.52
C ASN B 146 11.70 0.17 -2.02
N THR B 147 12.43 1.23 -1.73
CA THR B 147 13.79 1.40 -2.21
C THR B 147 14.80 0.39 -1.71
N TYR B 148 15.51 -0.24 -2.66
CA TYR B 148 16.54 -1.21 -2.32
C TYR B 148 17.90 -0.55 -2.02
N ARG B 149 17.97 0.19 -0.92
CA ARG B 149 19.19 0.84 -0.44
C ARG B 149 19.21 0.89 1.09
N CYS B 150 20.25 1.51 1.64
CA CYS B 150 20.45 1.59 3.08
C CYS B 150 19.95 2.87 3.75
N PHE B 151 19.57 2.74 5.02
CA PHE B 151 19.02 3.85 5.79
C PHE B 151 19.87 4.07 7.04
N SER B 152 19.49 5.04 7.89
CA SER B 152 20.26 5.36 9.08
C SER B 152 20.23 4.27 10.15
N GLN B 153 19.31 3.33 10.00
CA GLN B 153 19.19 2.16 10.88
C GLN B 153 19.03 0.96 9.94
N PRO B 154 19.35 -0.26 10.42
CA PRO B 154 19.23 -1.48 9.59
C PRO B 154 17.82 -1.57 9.00
N ARG B 155 17.73 -1.93 7.73
CA ARG B 155 16.46 -1.94 7.03
C ARG B 155 15.92 -3.33 6.67
N HIS B 156 14.66 -3.56 7.04
CA HIS B 156 14.00 -4.82 6.70
C HIS B 156 13.10 -4.44 5.55
N ILE B 157 13.36 -5.01 4.37
CA ILE B 157 12.65 -4.69 3.14
C ILE B 157 11.39 -5.50 2.73
N SER B 158 11.46 -6.82 2.84
CA SER B 158 10.34 -7.69 2.47
C SER B 158 9.42 -7.76 3.68
N VAL B 159 8.73 -6.65 3.99
CA VAL B 159 7.89 -6.61 5.19
C VAL B 159 6.50 -7.24 5.08
N ALA B 160 5.96 -7.33 3.87
CA ALA B 160 4.63 -7.90 3.67
C ALA B 160 4.58 -8.94 2.55
N MET B 161 5.03 -10.15 2.86
CA MET B 161 5.06 -11.25 1.89
C MET B 161 3.68 -11.87 1.69
N ASP B 162 3.33 -12.20 0.45
CA ASP B 162 2.04 -12.80 0.17
C ASP B 162 1.92 -14.14 0.87
N LYS B 163 3.07 -14.74 1.17
CA LYS B 163 3.18 -16.02 1.87
C LYS B 163 2.68 -15.93 3.30
N PHE B 164 2.67 -14.72 3.86
CA PHE B 164 2.21 -14.51 5.22
C PHE B 164 0.98 -13.58 5.23
N GLY B 165 0.18 -13.63 4.17
CA GLY B 165 -1.00 -12.77 4.12
C GLY B 165 -0.67 -11.29 4.14
N PHE B 166 0.41 -10.92 3.47
CA PHE B 166 0.83 -9.52 3.41
C PHE B 166 0.93 -8.88 4.79
N SER B 167 1.44 -9.64 5.74
CA SER B 167 1.64 -9.14 7.10
C SER B 167 2.96 -9.70 7.62
N LEU B 168 3.62 -8.96 8.48
CA LEU B 168 4.87 -9.38 9.09
C LEU B 168 4.51 -10.55 10.04
N PRO B 169 5.21 -11.70 9.92
CA PRO B 169 4.88 -12.84 10.83
C PRO B 169 5.14 -12.57 12.32
N TYR B 170 6.17 -11.78 12.62
CA TYR B 170 6.47 -11.39 14.01
C TYR B 170 7.37 -10.17 13.96
N VAL B 171 7.23 -9.33 14.97
CA VAL B 171 7.96 -8.07 15.04
C VAL B 171 9.48 -8.16 14.95
N GLN B 172 10.06 -9.28 15.40
CA GLN B 172 11.53 -9.42 15.38
C GLN B 172 12.06 -10.08 14.12
N TYR B 173 11.20 -10.23 13.12
CA TYR B 173 11.56 -10.90 11.88
C TYR B 173 12.47 -10.09 10.93
N PHE B 174 13.64 -10.65 10.60
CA PHE B 174 14.60 -9.95 9.74
C PHE B 174 14.97 -10.80 8.51
N GLY B 175 14.11 -11.76 8.15
CA GLY B 175 14.41 -12.60 7.00
C GLY B 175 13.93 -12.11 5.63
N GLY B 176 14.35 -12.83 4.57
CA GLY B 176 13.92 -12.47 3.24
C GLY B 176 14.82 -11.48 2.52
N VAL B 177 14.52 -10.19 2.66
CA VAL B 177 15.29 -9.12 2.03
C VAL B 177 15.59 -8.04 3.04
N SER B 178 16.86 -7.74 3.27
CA SER B 178 17.22 -6.67 4.20
C SER B 178 18.43 -5.89 3.68
N ALA B 179 18.74 -4.75 4.29
CA ALA B 179 19.87 -3.95 3.87
C ALA B 179 20.63 -3.35 5.05
N LEU B 180 21.96 -3.48 5.02
CA LEU B 180 22.83 -2.92 6.04
C LEU B 180 23.91 -2.07 5.38
N SER B 181 24.13 -0.87 5.92
CA SER B 181 25.17 0.01 5.41
C SER B 181 26.46 -0.72 5.74
N LYS B 182 27.57 -0.30 5.16
CA LYS B 182 28.85 -0.95 5.45
C LYS B 182 29.18 -0.86 6.95
N GLN B 183 29.00 0.32 7.54
CA GLN B 183 29.30 0.48 8.97
C GLN B 183 28.35 -0.30 9.88
N GLN B 184 27.09 -0.44 9.49
CA GLN B 184 26.17 -1.22 10.31
C GLN B 184 26.60 -2.68 10.33
N PHE B 185 27.06 -3.18 9.18
CA PHE B 185 27.51 -4.58 9.02
C PHE B 185 28.80 -4.80 9.83
N LEU B 186 29.78 -3.93 9.66
CA LEU B 186 31.03 -4.04 10.42
C LEU B 186 30.78 -4.05 11.92
N SER B 187 29.84 -3.20 12.35
CA SER B 187 29.51 -3.06 13.77
C SER B 187 29.11 -4.33 14.47
N ILE B 188 28.40 -5.24 13.79
CA ILE B 188 27.97 -6.50 14.41
C ILE B 188 28.90 -7.66 14.09
N ASN B 189 30.11 -7.37 13.58
CA ASN B 189 31.07 -8.42 13.17
C ASN B 189 30.37 -9.28 12.10
N GLY B 190 29.65 -8.62 11.19
CA GLY B 190 28.96 -9.34 10.14
C GLY B 190 27.93 -10.37 10.60
N PHE B 191 27.74 -11.43 9.82
CA PHE B 191 26.75 -12.43 10.17
C PHE B 191 27.38 -13.71 10.72
N PRO B 192 26.56 -14.58 11.33
CA PRO B 192 27.09 -15.84 11.88
C PRO B 192 27.50 -16.84 10.79
N ASN B 193 28.48 -17.68 11.09
CA ASN B 193 28.97 -18.68 10.15
C ASN B 193 28.53 -20.10 10.51
N ASN B 194 27.95 -20.28 11.69
CA ASN B 194 27.60 -21.64 12.08
C ASN B 194 26.16 -22.10 12.16
N TYR B 195 25.30 -21.57 11.28
CA TYR B 195 23.91 -22.00 11.19
C TYR B 195 23.79 -22.82 9.87
N CYS B 196 23.58 -24.12 9.99
CA CYS B 196 23.48 -25.01 8.83
C CYS B 196 22.07 -25.60 8.76
N GLY B 197 21.44 -25.50 7.59
CA GLY B 197 20.08 -25.98 7.47
C GLY B 197 19.17 -24.78 7.71
N TRP B 198 17.87 -24.97 7.53
CA TRP B 198 16.89 -23.90 7.66
C TRP B 198 16.63 -23.35 9.07
N GLY B 199 16.47 -22.03 9.12
CA GLY B 199 16.09 -21.35 10.36
C GLY B 199 17.06 -20.81 11.37
N GLY B 200 16.65 -19.71 12.02
CA GLY B 200 17.43 -19.13 13.09
C GLY B 200 18.51 -18.11 12.79
N GLU B 201 19.17 -18.21 11.64
CA GLU B 201 20.26 -17.29 11.33
C GLU B 201 19.79 -15.85 11.21
N ASP B 202 18.58 -15.62 10.72
CA ASP B 202 18.09 -14.26 10.63
C ASP B 202 17.75 -13.73 12.03
N ASP B 203 17.26 -14.60 12.91
CA ASP B 203 16.96 -14.18 14.28
C ASP B 203 18.27 -13.82 15.01
N ASP B 204 19.35 -14.53 14.71
CA ASP B 204 20.68 -14.25 15.32
C ASP B 204 21.14 -12.84 14.89
N ILE B 205 20.98 -12.53 13.60
CA ILE B 205 21.37 -11.22 13.05
C ILE B 205 20.55 -10.15 13.77
N TYR B 206 19.24 -10.40 13.91
CA TYR B 206 18.39 -9.46 14.66
C TYR B 206 18.96 -9.21 16.08
N ASN B 207 19.39 -10.28 16.74
CA ASN B 207 19.97 -10.16 18.09
C ASN B 207 21.23 -9.31 18.07
N ARG B 208 22.11 -9.57 17.11
CA ARG B 208 23.36 -8.80 16.99
C ARG B 208 23.09 -7.29 16.87
N LEU B 209 22.16 -6.91 16.00
CA LEU B 209 21.84 -5.48 15.79
C LEU B 209 21.32 -4.85 17.10
N ALA B 210 20.44 -5.55 17.81
CA ALA B 210 19.90 -5.05 19.08
C ALA B 210 21.02 -4.85 20.11
N PHE B 211 21.94 -5.82 20.23
CA PHE B 211 23.05 -5.69 21.16
C PHE B 211 23.94 -4.48 20.86
N ARG B 212 24.05 -4.11 19.58
CA ARG B 212 24.87 -2.96 19.21
C ARG B 212 24.04 -1.67 19.31
N GLY B 213 22.88 -1.76 19.95
CA GLY B 213 22.05 -0.58 20.11
C GLY B 213 21.26 -0.10 18.91
N MET B 214 21.14 -0.92 17.87
CA MET B 214 20.37 -0.49 16.68
C MET B 214 18.93 -0.97 16.69
N SER B 215 18.07 -0.29 15.94
CA SER B 215 16.66 -0.68 15.80
C SER B 215 16.38 -0.99 14.32
N VAL B 216 15.25 -1.64 14.02
CA VAL B 216 14.93 -2.00 12.63
C VAL B 216 14.00 -1.03 11.93
N SER B 217 14.44 -0.50 10.79
CA SER B 217 13.67 0.45 10.01
C SER B 217 12.89 -0.32 8.92
N ARG B 218 11.64 0.07 8.68
CA ARG B 218 10.81 -0.63 7.67
C ARG B 218 9.82 0.26 6.98
N PRO B 219 9.48 -0.05 5.71
CA PRO B 219 8.49 0.76 4.99
C PRO B 219 7.17 0.21 5.53
N ASN B 220 6.05 0.89 5.26
CA ASN B 220 4.77 0.38 5.75
C ASN B 220 4.33 -0.82 4.93
N ALA B 221 3.37 -1.60 5.45
CA ALA B 221 2.92 -2.79 4.77
C ALA B 221 2.33 -2.65 3.37
N VAL B 222 1.89 -1.45 2.97
CA VAL B 222 1.35 -1.29 1.64
C VAL B 222 2.50 -1.17 0.65
N ILE B 223 3.47 -0.31 0.96
CA ILE B 223 4.63 -0.15 0.08
C ILE B 223 5.58 -1.35 0.11
N GLY B 224 5.55 -2.09 1.20
CA GLY B 224 6.43 -3.24 1.35
C GLY B 224 5.90 -4.58 0.84
N LYS B 225 4.75 -4.55 0.17
CA LYS B 225 4.15 -5.78 -0.37
C LYS B 225 5.17 -6.51 -1.23
N THR B 226 5.31 -7.81 -0.98
CA THR B 226 6.29 -8.63 -1.69
C THR B 226 5.73 -10.02 -2.04
N ARG B 227 6.17 -10.59 -3.17
CA ARG B 227 5.76 -11.93 -3.58
C ARG B 227 6.92 -12.90 -3.50
N MET B 228 6.65 -14.12 -3.03
CA MET B 228 7.67 -15.17 -3.01
C MET B 228 7.22 -16.26 -3.98
N ILE B 229 8.10 -16.67 -4.89
CA ILE B 229 7.76 -17.73 -5.82
C ILE B 229 7.46 -19.00 -5.00
N ARG B 230 6.35 -19.66 -5.30
CA ARG B 230 5.96 -20.85 -4.58
C ARG B 230 6.96 -22.01 -4.71
N HIS B 231 7.39 -22.57 -3.58
CA HIS B 231 8.34 -23.66 -3.62
C HIS B 231 8.31 -24.55 -2.39
N SER B 232 8.77 -25.77 -2.57
CA SER B 232 8.84 -26.77 -1.51
C SER B 232 10.21 -26.64 -0.83
N ARG B 233 10.39 -27.16 0.38
CA ARG B 233 11.69 -27.04 1.03
C ARG B 233 12.79 -27.76 0.25
N ASP B 234 13.97 -27.14 0.14
CA ASP B 234 15.09 -27.72 -0.58
C ASP B 234 15.78 -28.88 0.14
N LYS B 235 16.16 -29.91 -0.61
CA LYS B 235 16.86 -31.03 -0.01
C LYS B 235 18.15 -30.45 0.49
N LYS B 236 18.58 -30.87 1.68
CA LYS B 236 19.82 -30.38 2.27
C LYS B 236 19.68 -29.03 2.99
N ASN B 237 18.43 -28.59 3.15
CA ASN B 237 18.19 -27.37 3.90
C ASN B 237 17.02 -27.62 4.84
N GLU B 238 17.03 -28.80 5.46
CA GLU B 238 15.99 -29.20 6.42
C GLU B 238 16.11 -28.36 7.68
N PRO B 239 15.00 -28.20 8.44
CA PRO B 239 15.12 -27.38 9.65
C PRO B 239 16.24 -27.81 10.61
N ASN B 240 17.03 -26.82 11.04
CA ASN B 240 18.17 -27.00 11.94
C ASN B 240 17.72 -27.17 13.40
N PRO B 241 18.00 -28.35 14.00
CA PRO B 241 17.64 -28.68 15.38
C PRO B 241 18.30 -27.83 16.45
N GLN B 242 19.51 -27.34 16.18
CA GLN B 242 20.22 -26.51 17.16
C GLN B 242 19.93 -25.03 17.07
N ARG B 243 19.04 -24.61 16.17
CA ARG B 243 18.81 -23.18 16.00
C ARG B 243 18.36 -22.42 17.24
N PHE B 244 17.52 -23.03 18.06
CA PHE B 244 17.03 -22.35 19.26
C PHE B 244 18.13 -22.20 20.32
N ASP B 245 18.98 -23.20 20.45
CA ASP B 245 20.07 -23.08 21.41
C ASP B 245 21.06 -22.02 20.91
N ARG B 246 21.31 -21.98 19.60
CA ARG B 246 22.24 -21.00 19.06
C ARG B 246 21.71 -19.58 19.20
N ILE B 247 20.47 -19.30 18.84
CA ILE B 247 20.06 -17.92 18.97
C ILE B 247 20.00 -17.45 20.45
N ALA B 248 19.91 -18.38 21.39
CA ALA B 248 19.89 -18.01 22.81
C ALA B 248 21.27 -17.56 23.31
N HIS B 249 22.33 -17.83 22.55
CA HIS B 249 23.70 -17.43 22.97
C HIS B 249 24.39 -16.41 22.04
N THR B 250 23.63 -15.75 21.18
CA THR B 250 24.22 -14.78 20.24
C THR B 250 25.18 -13.77 20.88
N LYS B 251 24.82 -13.23 22.04
CA LYS B 251 25.65 -12.23 22.69
C LYS B 251 27.09 -12.66 22.88
N GLU B 252 27.31 -13.94 23.13
CA GLU B 252 28.66 -14.37 23.34
C GLU B 252 29.34 -14.88 22.07
N THR B 253 28.56 -15.47 21.16
CA THR B 253 29.16 -15.99 19.94
C THR B 253 29.45 -14.95 18.88
N MET B 254 28.73 -13.82 18.91
CA MET B 254 28.95 -12.77 17.91
C MET B 254 30.35 -12.13 17.96
N LEU B 255 31.01 -12.21 19.11
CA LEU B 255 32.35 -11.65 19.30
C LEU B 255 33.41 -12.50 18.60
N SER B 256 33.16 -13.79 18.45
CA SER B 256 34.17 -14.64 17.83
C SER B 256 33.75 -15.39 16.59
N ASP B 257 32.48 -15.22 16.19
CA ASP B 257 31.98 -15.90 15.00
C ASP B 257 31.37 -14.85 14.07
N GLY B 258 32.03 -14.63 12.93
CA GLY B 258 31.56 -13.65 11.98
C GLY B 258 32.63 -13.31 10.95
N LEU B 259 32.67 -12.04 10.57
CA LEU B 259 33.65 -11.60 9.59
C LEU B 259 35.05 -11.98 10.01
N ASN B 260 35.32 -11.81 11.31
CA ASN B 260 36.65 -12.10 11.86
C ASN B 260 37.03 -13.58 11.94
N SER B 261 36.10 -14.49 11.62
CA SER B 261 36.45 -15.91 11.67
C SER B 261 36.07 -16.58 10.36
N LEU B 262 35.73 -15.77 9.37
CA LEU B 262 35.30 -16.26 8.06
C LEU B 262 36.39 -16.89 7.20
N THR B 263 36.17 -18.11 6.76
CA THR B 263 37.12 -18.78 5.87
C THR B 263 36.31 -19.50 4.80
N TYR B 264 36.83 -19.51 3.58
CA TYR B 264 36.17 -20.17 2.47
C TYR B 264 37.14 -20.28 1.29
N MET B 265 36.77 -21.05 0.27
CA MET B 265 37.60 -21.23 -0.91
C MET B 265 36.82 -20.91 -2.16
N VAL B 266 37.39 -20.06 -3.01
CA VAL B 266 36.75 -19.67 -4.26
C VAL B 266 37.07 -20.67 -5.36
N LEU B 267 36.04 -21.32 -5.89
CA LEU B 267 36.21 -22.31 -6.95
C LEU B 267 36.04 -21.66 -8.34
N GLU B 268 35.25 -20.58 -8.40
CA GLU B 268 35.01 -19.92 -9.69
C GLU B 268 34.32 -18.58 -9.55
N VAL B 269 34.65 -17.65 -10.44
CA VAL B 269 34.03 -16.33 -10.50
C VAL B 269 33.52 -16.16 -11.94
N GLN B 270 32.21 -16.00 -12.10
CA GLN B 270 31.64 -15.81 -13.43
C GLN B 270 31.09 -14.41 -13.61
N ARG B 271 31.44 -13.77 -14.72
CA ARG B 271 30.92 -12.45 -15.04
C ARG B 271 30.02 -12.64 -16.25
N TYR B 272 28.71 -12.58 -16.06
CA TYR B 272 27.73 -12.69 -17.14
C TYR B 272 27.23 -11.27 -17.38
N PRO B 273 26.43 -11.05 -18.42
CA PRO B 273 25.94 -9.69 -18.62
C PRO B 273 25.02 -9.18 -17.51
N LEU B 274 24.17 -10.06 -16.99
CA LEU B 274 23.20 -9.69 -15.94
C LEU B 274 23.61 -9.84 -14.47
N TYR B 275 24.73 -10.52 -14.21
CA TYR B 275 25.18 -10.74 -12.84
C TYR B 275 26.55 -11.36 -12.75
N THR B 276 27.09 -11.32 -11.53
CA THR B 276 28.35 -11.95 -11.21
C THR B 276 27.95 -13.14 -10.34
N LYS B 277 28.46 -14.34 -10.65
CA LYS B 277 28.17 -15.53 -9.85
C LYS B 277 29.50 -16.10 -9.34
N ILE B 278 29.63 -16.19 -8.02
CA ILE B 278 30.82 -16.69 -7.35
C ILE B 278 30.53 -18.03 -6.65
N THR B 279 31.17 -19.09 -7.13
CA THR B 279 30.98 -20.43 -6.55
C THR B 279 32.04 -20.64 -5.48
N VAL B 280 31.62 -21.03 -4.28
CA VAL B 280 32.57 -21.19 -3.19
C VAL B 280 32.40 -22.42 -2.32
N ASP B 281 33.48 -22.84 -1.67
CA ASP B 281 33.41 -23.99 -0.76
C ASP B 281 33.44 -23.36 0.63
N ILE B 282 32.33 -23.44 1.36
CA ILE B 282 32.25 -22.86 2.68
C ILE B 282 32.23 -23.89 3.82
N GLY B 283 32.60 -25.13 3.47
CA GLY B 283 32.67 -26.21 4.47
C GLY B 283 31.42 -26.62 5.24
N THR B 284 31.59 -26.84 6.54
CA THR B 284 30.49 -27.25 7.40
C THR B 284 30.48 -26.49 8.73
N CYS B 285 29.36 -26.56 9.44
CA CYS B 285 29.25 -25.85 10.70
C CYS B 285 29.99 -26.45 11.89
N SER B 286 30.54 -25.56 12.71
CA SER B 286 31.28 -25.95 13.92
C SER B 286 30.31 -26.01 15.09
N THR C 1 -8.43 -3.08 0.79
CA THR C 1 -9.71 -3.31 0.03
C THR C 1 -10.63 -2.13 0.25
N GLU C 2 -11.29 -1.66 -0.80
CA GLU C 2 -12.26 -0.58 -0.66
C GLU C 2 -13.55 -1.31 -0.36
N LEU C 3 -13.99 -1.26 0.90
CA LEU C 3 -15.21 -1.92 1.33
C LEU C 3 -16.49 -1.12 1.01
N THR C 4 -17.64 -1.76 1.15
CA THR C 4 -18.90 -1.09 0.91
C THR C 4 -19.46 -0.70 2.26
N LYS C 5 -20.41 0.23 2.24
CA LYS C 5 -21.06 0.67 3.44
C LYS C 5 -21.61 -0.52 4.23
N CYS C 6 -22.35 -1.40 3.55
CA CYS C 6 -22.91 -2.60 4.19
C CYS C 6 -21.81 -3.53 4.74
N LYS C 7 -20.75 -3.76 3.96
CA LYS C 7 -19.67 -4.62 4.46
C LYS C 7 -19.11 -4.04 5.77
N VAL C 8 -18.81 -2.74 5.74
CA VAL C 8 -18.26 -2.08 6.93
C VAL C 8 -19.21 -2.21 8.10
N SER C 9 -20.49 -1.90 7.87
CA SER C 9 -21.48 -1.97 8.92
C SER C 9 -21.61 -3.33 9.61
N HIS C 10 -21.51 -4.42 8.85
CA HIS C 10 -21.58 -5.74 9.46
C HIS C 10 -20.28 -6.04 10.23
N ALA C 11 -19.13 -5.66 9.67
CA ALA C 11 -17.83 -5.91 10.30
C ALA C 11 -17.66 -5.25 11.66
N ILE C 12 -18.19 -4.03 11.83
CA ILE C 12 -18.06 -3.31 13.10
C ILE C 12 -19.29 -3.37 13.99
N LYS C 13 -20.25 -4.23 13.68
CA LYS C 13 -21.49 -4.30 14.46
C LYS C 13 -21.32 -4.39 15.97
N ASP C 14 -20.20 -4.93 16.46
CA ASP C 14 -20.04 -5.04 17.91
C ASP C 14 -19.91 -3.69 18.60
N ILE C 15 -19.15 -2.79 17.98
CA ILE C 15 -18.87 -1.45 18.50
C ILE C 15 -20.11 -0.59 18.70
N ASP C 16 -21.26 -1.09 18.25
CA ASP C 16 -22.52 -0.37 18.32
C ASP C 16 -23.00 0.05 19.71
N GLY C 17 -23.35 1.34 19.85
CA GLY C 17 -23.83 1.87 21.12
C GLY C 17 -22.73 2.19 22.11
N TYR C 18 -21.54 1.64 21.86
CA TYR C 18 -20.39 1.87 22.72
C TYR C 18 -20.12 3.35 22.90
N GLN C 19 -20.18 3.82 24.15
CA GLN C 19 -19.93 5.22 24.43
C GLN C 19 -21.01 6.11 23.76
N GLY C 20 -22.15 5.51 23.43
CA GLY C 20 -23.24 6.26 22.84
C GLY C 20 -23.27 6.51 21.33
N ILE C 21 -22.27 6.01 20.61
CA ILE C 21 -22.19 6.19 19.16
C ILE C 21 -22.85 5.03 18.43
N SER C 22 -23.78 5.31 17.52
CA SER C 22 -24.46 4.25 16.77
C SER C 22 -23.76 3.82 15.49
N LEU C 23 -24.24 2.72 14.90
CA LEU C 23 -23.68 2.22 13.64
C LEU C 23 -23.91 3.21 12.49
N LEU C 24 -25.01 3.97 12.51
CA LEU C 24 -25.24 4.93 11.44
C LEU C 24 -24.19 6.02 11.54
N GLU C 25 -23.96 6.48 12.76
CA GLU C 25 -22.94 7.51 12.97
C GLU C 25 -21.57 6.97 12.56
N TRP C 26 -21.28 5.71 12.86
CA TRP C 26 -19.96 5.15 12.51
C TRP C 26 -19.80 5.01 11.01
N ALA C 27 -20.86 4.59 10.31
CA ALA C 27 -20.76 4.47 8.85
C ALA C 27 -20.45 5.82 8.23
N CYS C 28 -21.06 6.87 8.78
CA CYS C 28 -20.84 8.23 8.29
C CYS C 28 -19.39 8.64 8.56
N VAL C 29 -18.95 8.51 9.81
CA VAL C 29 -17.58 8.88 10.18
C VAL C 29 -16.50 8.18 9.35
N LEU C 30 -16.63 6.86 9.19
CA LEU C 30 -15.61 6.11 8.48
C LEU C 30 -15.53 6.40 6.99
N PHE C 31 -16.65 6.77 6.37
CA PHE C 31 -16.59 7.11 4.96
C PHE C 31 -15.76 8.40 4.77
N HIS C 32 -15.98 9.40 5.62
CA HIS C 32 -15.24 10.65 5.48
C HIS C 32 -13.82 10.54 6.05
N THR C 33 -13.60 9.52 6.86
CA THR C 33 -12.29 9.35 7.48
C THR C 33 -11.31 8.61 6.56
N SER C 34 -11.79 7.52 5.98
CA SER C 34 -10.93 6.71 5.11
C SER C 34 -11.52 6.27 3.77
N GLY C 35 -12.72 6.73 3.40
CA GLY C 35 -13.32 6.26 2.15
C GLY C 35 -13.60 4.75 2.23
N TYR C 36 -13.66 4.20 3.44
CA TYR C 36 -13.86 2.77 3.66
C TYR C 36 -12.66 1.95 3.12
N ASP C 37 -11.52 2.59 2.93
CA ASP C 37 -10.32 1.90 2.41
C ASP C 37 -9.49 1.32 3.55
N THR C 38 -9.45 -0.01 3.69
CA THR C 38 -8.68 -0.61 4.78
C THR C 38 -7.17 -0.42 4.69
N GLN C 39 -6.67 0.04 3.55
CA GLN C 39 -5.23 0.25 3.40
C GLN C 39 -4.87 1.73 3.38
N ALA C 40 -5.77 2.60 3.87
CA ALA C 40 -5.50 4.03 3.87
C ALA C 40 -4.28 4.40 4.72
N VAL C 41 -3.40 5.23 4.17
CA VAL C 41 -2.22 5.69 4.90
C VAL C 41 -2.14 7.20 4.69
N VAL C 42 -2.35 7.98 5.74
CA VAL C 42 -2.32 9.42 5.56
C VAL C 42 -1.40 10.14 6.52
N ASN C 43 -0.52 10.94 5.95
CA ASN C 43 0.45 11.71 6.72
C ASN C 43 -0.24 12.98 7.24
N ASP C 44 -0.18 13.18 8.54
CA ASP C 44 -0.83 14.34 9.16
C ASP C 44 0.24 15.39 9.41
N ASN C 45 1.38 15.20 8.74
CA ASN C 45 2.57 16.04 8.80
C ASN C 45 3.20 15.87 10.17
N GLY C 46 4.23 15.04 10.26
CA GLY C 46 4.85 14.76 11.54
C GLY C 46 4.49 13.34 11.97
N SER C 47 3.20 12.98 11.83
CA SER C 47 2.71 11.65 12.18
C SER C 47 1.85 11.05 11.05
N THR C 48 1.62 9.73 11.12
CA THR C 48 0.87 9.00 10.11
C THR C 48 -0.36 8.25 10.66
N GLU C 49 -1.46 8.27 9.91
CA GLU C 49 -2.72 7.63 10.30
C GLU C 49 -3.00 6.43 9.42
N TYR C 50 -3.44 5.34 10.07
CA TYR C 50 -3.64 4.05 9.42
C TYR C 50 -5.00 3.35 9.36
N GLY C 51 -5.29 2.81 8.17
CA GLY C 51 -6.50 2.02 7.94
C GLY C 51 -7.86 2.66 8.02
N LEU C 52 -8.89 1.81 8.09
CA LEU C 52 -10.29 2.23 8.15
C LEU C 52 -10.58 3.33 9.19
N PHE C 53 -10.03 3.19 10.40
CA PHE C 53 -10.29 4.16 11.46
C PHE C 53 -9.27 5.32 11.49
N GLN C 54 -8.24 5.23 10.66
CA GLN C 54 -7.18 6.24 10.61
C GLN C 54 -6.56 6.49 12.00
N ILE C 55 -6.04 5.40 12.57
CA ILE C 55 -5.39 5.35 13.89
C ILE C 55 -3.96 5.87 13.76
N SER C 56 -3.58 6.81 14.64
CA SER C 56 -2.29 7.47 14.60
C SER C 56 -1.09 6.82 15.31
N ASP C 57 0.08 6.87 14.66
CA ASP C 57 1.28 6.28 15.26
C ASP C 57 2.01 7.14 16.28
N ARG C 58 1.49 8.33 16.56
CA ARG C 58 2.14 9.19 17.52
C ARG C 58 1.88 8.70 18.95
N PHE C 59 0.68 8.18 19.20
CA PHE C 59 0.30 7.72 20.54
C PHE C 59 -0.34 6.35 20.63
N TRP C 60 -1.06 5.96 19.57
CA TRP C 60 -1.85 4.73 19.58
C TRP C 60 -1.26 3.40 19.07
N CYS C 61 -0.59 3.41 17.92
CA CYS C 61 0.04 2.19 17.41
C CYS C 61 1.53 2.43 17.18
N LYS C 62 2.33 1.37 17.08
CA LYS C 62 3.77 1.56 16.85
C LYS C 62 4.19 1.38 15.39
N SER C 63 4.76 2.42 14.81
CA SER C 63 5.24 2.30 13.43
C SER C 63 6.76 2.34 13.52
N SER C 64 7.39 2.32 12.35
CA SER C 64 8.85 2.38 12.24
C SER C 64 9.29 3.80 12.57
N GLU C 65 8.37 4.74 12.44
CA GLU C 65 8.66 6.15 12.68
C GLU C 65 8.60 6.81 14.05
N PHE C 66 7.88 6.27 15.01
CA PHE C 66 7.85 6.99 16.30
C PHE C 66 8.39 6.23 17.46
N PRO C 67 9.70 6.39 17.72
CA PRO C 67 10.44 5.73 18.80
C PRO C 67 9.85 6.00 20.18
N GLU C 68 9.31 7.20 20.37
CA GLU C 68 8.75 7.58 21.66
C GLU C 68 7.23 7.35 21.79
N SER C 69 6.62 6.70 20.80
CA SER C 69 5.17 6.43 20.85
C SER C 69 4.80 5.60 22.07
N GLU C 70 3.71 5.97 22.73
CA GLU C 70 3.24 5.22 23.90
C GLU C 70 2.67 3.87 23.42
N ASN C 71 2.30 3.79 22.14
CA ASN C 71 1.74 2.55 21.60
C ASN C 71 0.63 2.06 22.57
N ILE C 72 -0.31 2.95 22.89
CA ILE C 72 -1.40 2.63 23.81
C ILE C 72 -2.19 1.40 23.38
N CYS C 73 -2.39 1.21 22.08
CA CYS C 73 -3.11 0.01 21.64
C CYS C 73 -2.25 -1.25 21.70
N GLY C 74 -0.95 -1.08 21.90
CA GLY C 74 -0.05 -2.23 21.97
C GLY C 74 -0.13 -3.05 20.70
N ILE C 75 -0.01 -2.40 19.56
CA ILE C 75 -0.12 -3.10 18.31
C ILE C 75 0.69 -2.43 17.22
N SER C 76 1.19 -3.22 16.28
CA SER C 76 1.94 -2.64 15.18
C SER C 76 0.95 -1.99 14.19
N CYS C 77 1.24 -0.75 13.78
CA CYS C 77 0.39 -0.02 12.85
C CYS C 77 0.14 -0.81 11.56
N ASP C 78 1.07 -1.69 11.17
CA ASP C 78 0.84 -2.44 9.94
C ASP C 78 -0.34 -3.40 10.06
N LYS C 79 -0.68 -3.78 11.29
CA LYS C 79 -1.83 -4.67 11.54
C LYS C 79 -3.16 -3.95 11.28
N LEU C 80 -3.08 -2.65 11.03
CA LEU C 80 -4.28 -1.85 10.77
C LEU C 80 -4.39 -1.61 9.27
N LEU C 81 -3.57 -2.33 8.48
CA LEU C 81 -3.63 -2.20 7.03
C LEU C 81 -4.12 -3.47 6.29
N ASP C 82 -4.62 -4.46 7.03
CA ASP C 82 -5.13 -5.69 6.38
C ASP C 82 -6.65 -5.67 6.41
N ASP C 83 -7.27 -6.76 5.98
CA ASP C 83 -8.73 -6.82 5.95
C ASP C 83 -9.35 -7.44 7.18
N GLU C 84 -8.53 -7.69 8.19
CA GLU C 84 -8.99 -8.25 9.46
C GLU C 84 -9.27 -7.03 10.38
N LEU C 85 -10.54 -6.70 10.60
CA LEU C 85 -10.87 -5.51 11.40
C LEU C 85 -11.03 -5.59 12.92
N ASP C 86 -11.01 -6.79 13.51
CA ASP C 86 -11.20 -6.87 14.96
C ASP C 86 -10.09 -6.22 15.77
N ASP C 87 -8.85 -6.21 15.29
CA ASP C 87 -7.85 -5.51 16.08
C ASP C 87 -8.02 -3.98 15.92
N ASP C 88 -8.47 -3.53 14.74
CA ASP C 88 -8.67 -2.08 14.53
C ASP C 88 -9.76 -1.61 15.49
N ILE C 89 -10.82 -2.42 15.62
CA ILE C 89 -11.95 -2.11 16.49
C ILE C 89 -11.55 -2.04 17.97
N ALA C 90 -10.75 -3.00 18.43
CA ALA C 90 -10.31 -3.00 19.83
C ALA C 90 -9.53 -1.71 20.10
N CYS C 91 -8.72 -1.29 19.14
CA CYS C 91 -7.95 -0.06 19.37
C CYS C 91 -8.87 1.15 19.36
N ALA C 92 -9.84 1.16 18.45
CA ALA C 92 -10.80 2.29 18.35
C ALA C 92 -11.54 2.44 19.68
N LYS C 93 -11.91 1.33 20.31
CA LYS C 93 -12.60 1.34 21.61
C LYS C 93 -11.71 1.99 22.68
N LYS C 94 -10.41 1.69 22.66
CA LYS C 94 -9.51 2.33 23.63
C LYS C 94 -9.49 3.84 23.40
N ILE C 95 -9.45 4.27 22.14
CA ILE C 95 -9.45 5.72 21.84
C ILE C 95 -10.78 6.34 22.34
N LEU C 96 -11.90 5.66 22.11
CA LEU C 96 -13.19 6.16 22.58
C LEU C 96 -13.25 6.32 24.11
N ALA C 97 -12.73 5.33 24.84
CA ALA C 97 -12.75 5.38 26.31
C ALA C 97 -11.81 6.42 26.93
N ILE C 98 -10.72 6.74 26.24
CA ILE C 98 -9.73 7.69 26.75
C ILE C 98 -9.90 9.12 26.25
N LYS C 99 -9.99 9.28 24.93
CA LYS C 99 -10.16 10.59 24.30
C LYS C 99 -11.61 10.89 23.91
N GLY C 100 -12.35 9.91 23.42
CA GLY C 100 -13.74 10.15 23.03
C GLY C 100 -13.92 10.27 21.51
N ILE C 101 -15.18 10.36 21.06
CA ILE C 101 -15.48 10.42 19.63
C ILE C 101 -14.80 11.56 18.88
N ASP C 102 -14.46 12.64 19.58
CA ASP C 102 -13.85 13.75 18.88
C ASP C 102 -12.43 13.52 18.34
N TYR C 103 -11.87 12.33 18.58
CA TYR C 103 -10.58 12.01 17.96
C TYR C 103 -10.91 12.05 16.44
N TRP C 104 -12.10 11.60 16.09
CA TRP C 104 -12.55 11.58 14.67
C TRP C 104 -13.14 12.95 14.28
N LYS C 105 -12.29 13.80 13.72
CA LYS C 105 -12.68 15.16 13.32
C LYS C 105 -13.85 15.30 12.35
N ALA C 106 -14.20 14.23 11.65
CA ALA C 106 -15.33 14.30 10.69
C ALA C 106 -16.69 14.23 11.38
N TYR C 107 -16.72 13.62 12.55
CA TYR C 107 -17.97 13.43 13.28
C TYR C 107 -18.85 14.66 13.39
N LYS C 108 -18.36 15.71 14.04
CA LYS C 108 -19.16 16.96 14.21
C LYS C 108 -19.63 17.65 12.93
N PRO C 109 -18.69 18.00 12.00
CA PRO C 109 -19.17 18.67 10.79
C PRO C 109 -19.97 17.86 9.79
N MET C 110 -19.68 16.57 9.69
CA MET C 110 -20.34 15.76 8.69
C MET C 110 -21.39 14.78 9.18
N CYS C 111 -21.39 14.45 10.47
CA CYS C 111 -22.30 13.44 10.96
C CYS C 111 -23.21 13.87 12.10
N SER C 112 -23.57 15.16 12.12
CA SER C 112 -24.46 15.68 13.15
C SER C 112 -25.95 15.69 12.80
N GLU C 113 -26.25 15.32 11.55
CA GLU C 113 -27.63 15.28 11.03
C GLU C 113 -27.68 14.26 9.86
N LYS C 114 -28.89 14.01 9.33
CA LYS C 114 -29.08 13.12 8.19
C LYS C 114 -28.37 11.76 8.29
N LEU C 115 -28.65 11.04 9.37
CA LEU C 115 -28.07 9.74 9.62
C LEU C 115 -28.76 8.56 8.96
N GLU C 116 -30.07 8.68 8.68
CA GLU C 116 -30.77 7.56 8.07
C GLU C 116 -30.19 7.07 6.74
N GLN C 117 -29.63 7.98 5.95
CA GLN C 117 -29.01 7.64 4.68
C GLN C 117 -27.80 6.67 4.87
N TRP C 118 -27.21 6.67 6.07
CA TRP C 118 -26.06 5.80 6.33
C TRP C 118 -26.40 4.35 6.74
N ARG C 119 -27.69 4.02 6.80
CA ARG C 119 -28.09 2.67 7.18
C ARG C 119 -27.87 1.67 6.05
N CYS C 120 -27.46 0.45 6.38
CA CYS C 120 -27.28 -0.54 5.33
C CYS C 120 -28.65 -1.14 5.02
N GLU C 121 -29.08 -1.04 3.76
CA GLU C 121 -30.39 -1.60 3.39
C GLU C 121 -30.30 -3.10 3.13
N LYS C 122 -29.19 -3.53 2.54
CA LYS C 122 -28.96 -4.94 2.23
C LYS C 122 -29.70 -5.86 3.22
N PRO C 123 -30.83 -6.45 2.77
CA PRO C 123 -31.69 -7.36 3.55
C PRO C 123 -30.96 -8.52 4.26
N LEU D 15 -31.01 29.78 -36.60
CA LEU D 15 -32.35 30.20 -37.10
C LEU D 15 -33.33 30.11 -35.94
N THR D 16 -33.72 28.89 -35.58
CA THR D 16 -34.65 28.66 -34.46
C THR D 16 -33.93 28.18 -33.20
N ALA D 17 -34.58 28.33 -32.05
CA ALA D 17 -34.01 27.87 -30.77
C ALA D 17 -33.93 26.34 -30.81
N CYS D 18 -32.87 25.76 -30.24
CA CYS D 18 -32.77 24.30 -30.23
C CYS D 18 -33.91 23.77 -29.36
N PRO D 19 -34.31 22.52 -29.58
CA PRO D 19 -35.40 21.98 -28.76
C PRO D 19 -35.03 21.78 -27.28
N GLU D 20 -36.04 21.62 -26.44
CA GLU D 20 -35.83 21.42 -25.01
C GLU D 20 -34.87 20.26 -24.77
N GLU D 21 -35.18 19.13 -25.40
CA GLU D 21 -34.35 17.93 -25.31
C GLU D 21 -33.86 17.64 -26.73
N SER D 22 -32.58 17.30 -26.86
CA SER D 22 -32.00 17.01 -28.17
C SER D 22 -32.52 15.73 -28.81
N PRO D 23 -32.73 15.73 -30.13
CA PRO D 23 -33.21 14.51 -30.75
C PRO D 23 -32.07 13.59 -31.18
N LEU D 24 -30.83 14.04 -30.91
CA LEU D 24 -29.60 13.30 -31.28
C LEU D 24 -29.06 12.31 -30.26
N LEU D 25 -29.66 12.29 -29.07
CA LEU D 25 -29.21 11.44 -27.96
C LEU D 25 -29.32 9.94 -28.17
N VAL D 26 -28.28 9.20 -27.76
CA VAL D 26 -28.29 7.74 -27.89
C VAL D 26 -28.57 7.00 -26.57
N GLY D 27 -28.39 7.67 -25.43
CA GLY D 27 -28.64 7.02 -24.16
C GLY D 27 -27.39 6.37 -23.54
N PRO D 28 -27.49 5.14 -22.98
CA PRO D 28 -26.33 4.47 -22.38
C PRO D 28 -25.19 4.16 -23.34
N MET D 29 -23.95 4.34 -22.87
CA MET D 29 -22.75 4.13 -23.69
C MET D 29 -21.77 3.21 -23.01
N LEU D 30 -20.89 2.60 -23.79
CA LEU D 30 -19.87 1.73 -23.20
C LEU D 30 -18.65 2.64 -22.93
N ILE D 31 -18.23 2.73 -21.67
CA ILE D 31 -17.12 3.60 -21.29
C ILE D 31 -15.96 2.76 -20.76
N GLU D 32 -14.89 2.68 -21.54
CA GLU D 32 -13.72 1.90 -21.13
C GLU D 32 -12.41 2.65 -21.34
N PHE D 33 -11.40 2.28 -20.58
CA PHE D 33 -10.12 2.96 -20.66
C PHE D 33 -8.99 1.99 -20.97
N ASN D 34 -9.17 1.16 -21.99
CA ASN D 34 -8.16 0.20 -22.38
C ASN D 34 -7.37 0.63 -23.61
N ILE D 35 -8.06 0.99 -24.67
CA ILE D 35 -7.40 1.43 -25.89
C ILE D 35 -6.79 2.82 -25.69
N PRO D 36 -5.47 2.95 -25.84
CA PRO D 36 -4.90 4.29 -25.65
C PRO D 36 -5.43 5.15 -26.80
N VAL D 37 -5.59 6.45 -26.57
CA VAL D 37 -6.14 7.29 -27.61
C VAL D 37 -5.14 8.19 -28.31
N ASP D 38 -5.43 8.45 -29.57
CA ASP D 38 -4.62 9.31 -30.42
C ASP D 38 -5.46 10.56 -30.67
N LEU D 39 -5.06 11.70 -30.11
CA LEU D 39 -5.82 12.92 -30.32
C LEU D 39 -5.96 13.34 -31.78
N LYS D 40 -4.97 13.01 -32.62
CA LYS D 40 -5.10 13.36 -34.03
C LYS D 40 -6.35 12.64 -34.46
N LEU D 41 -6.45 11.39 -34.06
CA LEU D 41 -7.63 10.56 -34.36
C LEU D 41 -8.92 11.23 -33.83
N VAL D 42 -8.92 11.72 -32.60
CA VAL D 42 -10.11 12.35 -32.01
C VAL D 42 -10.48 13.57 -32.83
N GLU D 43 -9.46 14.32 -33.22
CA GLU D 43 -9.63 15.51 -34.06
C GLU D 43 -10.39 15.18 -35.37
N GLN D 44 -10.02 14.06 -36.00
CA GLN D 44 -10.68 13.66 -37.25
C GLN D 44 -12.13 13.21 -37.05
N GLN D 45 -12.43 12.62 -35.89
CA GLN D 45 -13.79 12.16 -35.56
C GLN D 45 -14.71 13.33 -35.20
N ASN D 46 -14.13 14.49 -34.91
CA ASN D 46 -14.89 15.69 -34.53
C ASN D 46 -14.45 16.89 -35.34
N PRO D 47 -14.74 16.87 -36.64
CA PRO D 47 -14.36 17.98 -37.53
C PRO D 47 -15.07 19.31 -37.27
N LYS D 48 -16.24 19.30 -36.62
CA LYS D 48 -16.92 20.57 -36.34
C LYS D 48 -16.34 21.35 -35.14
N VAL D 49 -15.45 20.73 -34.38
CA VAL D 49 -14.87 21.43 -33.21
C VAL D 49 -13.76 22.38 -33.68
N LYS D 50 -13.86 23.64 -33.29
CA LYS D 50 -12.87 24.62 -33.72
C LYS D 50 -11.75 24.88 -32.72
N LEU D 51 -10.71 25.57 -33.17
CA LEU D 51 -9.55 25.87 -32.32
C LEU D 51 -9.98 26.32 -30.90
N GLY D 52 -9.37 25.70 -29.90
CA GLY D 52 -9.71 26.01 -28.52
C GLY D 52 -10.82 25.14 -27.98
N GLY D 53 -11.13 24.05 -28.69
CA GLY D 53 -12.20 23.17 -28.25
C GLY D 53 -13.52 23.90 -28.19
N ARG D 54 -13.83 24.70 -29.22
CA ARG D 54 -15.08 25.46 -29.29
C ARG D 54 -16.09 24.83 -30.27
N TYR D 55 -17.37 24.79 -29.89
CA TYR D 55 -18.41 24.24 -30.77
C TYR D 55 -19.73 24.98 -30.63
N THR D 56 -20.41 25.22 -31.75
CA THR D 56 -21.71 25.89 -31.70
C THR D 56 -22.59 25.21 -32.72
N PRO D 57 -23.80 24.80 -32.32
CA PRO D 57 -24.67 24.13 -33.30
C PRO D 57 -24.90 25.06 -34.50
N MET D 58 -24.99 24.50 -35.70
CA MET D 58 -25.23 25.32 -36.87
C MET D 58 -26.67 25.10 -37.34
N ASP D 59 -27.33 24.15 -36.68
CA ASP D 59 -28.71 23.74 -36.92
C ASP D 59 -29.76 24.55 -36.17
N CYS D 60 -29.38 25.07 -35.01
CA CYS D 60 -30.30 25.81 -34.15
C CYS D 60 -29.51 26.68 -33.16
N ILE D 61 -30.23 27.52 -32.44
CA ILE D 61 -29.62 28.42 -31.47
C ILE D 61 -29.76 27.82 -30.06
N SER D 62 -28.62 27.64 -29.39
CA SER D 62 -28.62 27.09 -28.04
C SER D 62 -28.61 28.22 -27.03
N PRO D 63 -29.46 28.14 -26.00
CA PRO D 63 -29.47 29.19 -24.99
C PRO D 63 -28.35 28.89 -23.98
N HIS D 64 -27.81 27.66 -24.04
CA HIS D 64 -26.74 27.26 -23.11
C HIS D 64 -25.33 27.57 -23.65
N LYS D 65 -24.74 28.64 -23.14
CA LYS D 65 -23.39 29.07 -23.49
C LYS D 65 -22.51 28.60 -22.33
N VAL D 66 -21.93 27.43 -22.52
CA VAL D 66 -21.16 26.72 -21.48
C VAL D 66 -19.65 26.61 -21.56
N ALA D 67 -18.99 27.05 -20.50
CA ALA D 67 -17.55 26.90 -20.40
C ALA D 67 -17.34 25.69 -19.48
N ILE D 68 -16.59 24.70 -19.95
CA ILE D 68 -16.28 23.51 -19.13
C ILE D 68 -14.85 23.71 -18.60
N ILE D 69 -14.76 23.79 -17.28
CA ILE D 69 -13.51 24.03 -16.58
C ILE D 69 -12.99 22.74 -15.90
N ILE D 70 -11.76 22.38 -16.23
CA ILE D 70 -11.13 21.19 -15.69
C ILE D 70 -9.87 21.54 -14.90
N PRO D 71 -9.83 21.23 -13.59
CA PRO D 71 -8.65 21.53 -12.76
C PRO D 71 -7.60 20.52 -13.18
N PHE D 72 -6.35 20.94 -13.33
CA PHE D 72 -5.35 20.02 -13.88
C PHE D 72 -3.86 20.17 -13.49
N ARG D 73 -3.18 19.05 -13.39
CA ARG D 73 -1.73 18.99 -13.21
C ARG D 73 -1.28 17.54 -13.38
N ASN D 74 -0.44 17.31 -14.39
CA ASN D 74 0.10 16.01 -14.67
C ASN D 74 -0.92 14.90 -14.91
N ARG D 75 -1.99 15.19 -15.65
CA ARG D 75 -2.99 14.14 -15.93
C ARG D 75 -3.26 14.11 -17.44
N GLN D 76 -2.21 14.17 -18.28
CA GLN D 76 -2.47 14.20 -19.74
C GLN D 76 -3.19 12.96 -20.25
N GLU D 77 -2.83 11.79 -19.75
CA GLU D 77 -3.47 10.54 -20.22
C GLU D 77 -4.97 10.53 -19.94
N HIS D 78 -5.35 10.95 -18.73
CA HIS D 78 -6.76 11.00 -18.37
C HIS D 78 -7.46 11.98 -19.31
N LEU D 79 -6.83 13.13 -19.55
CA LEU D 79 -7.41 14.17 -20.42
C LEU D 79 -7.69 13.62 -21.83
N LYS D 80 -6.80 12.77 -22.35
CA LYS D 80 -7.01 12.17 -23.68
C LYS D 80 -8.32 11.35 -23.70
N TYR D 81 -8.54 10.55 -22.67
CA TYR D 81 -9.78 9.78 -22.60
C TYR D 81 -10.98 10.73 -22.46
N TRP D 82 -10.84 11.76 -21.64
CA TRP D 82 -11.91 12.73 -21.43
C TRP D 82 -12.35 13.33 -22.76
N LEU D 83 -11.38 13.86 -23.52
CA LEU D 83 -11.73 14.46 -24.81
C LEU D 83 -12.35 13.46 -25.79
N TYR D 84 -11.81 12.25 -25.86
CA TYR D 84 -12.31 11.20 -26.77
C TYR D 84 -13.80 10.93 -26.54
N TYR D 85 -14.22 10.89 -25.28
CA TYR D 85 -15.62 10.64 -24.94
C TYR D 85 -16.54 11.86 -24.92
N LEU D 86 -16.10 12.94 -24.27
CA LEU D 86 -16.93 14.13 -24.13
C LEU D 86 -17.28 14.96 -25.37
N HIS D 87 -16.33 15.16 -26.28
CA HIS D 87 -16.68 16.00 -27.43
C HIS D 87 -17.88 15.51 -28.22
N PRO D 88 -17.96 14.20 -28.52
CA PRO D 88 -19.13 13.73 -29.28
C PRO D 88 -20.40 13.88 -28.44
N ILE D 89 -20.29 13.62 -27.15
CA ILE D 89 -21.42 13.73 -26.23
C ILE D 89 -21.92 15.18 -26.20
N LEU D 90 -21.01 16.12 -25.95
CA LEU D 90 -21.40 17.53 -25.87
C LEU D 90 -22.07 18.09 -27.14
N GLN D 91 -21.63 17.63 -28.31
CA GLN D 91 -22.24 18.07 -29.57
C GLN D 91 -23.66 17.48 -29.72
N ARG D 92 -23.83 16.22 -29.30
CA ARG D 92 -25.15 15.58 -29.37
C ARG D 92 -26.11 16.34 -28.45
N GLN D 93 -25.57 16.92 -27.38
CA GLN D 93 -26.40 17.70 -26.44
C GLN D 93 -26.70 19.12 -26.94
N GLN D 94 -26.23 19.44 -28.15
CA GLN D 94 -26.52 20.72 -28.77
C GLN D 94 -26.14 21.92 -27.90
N LEU D 95 -24.93 21.91 -27.37
CA LEU D 95 -24.47 23.01 -26.53
C LEU D 95 -23.52 23.92 -27.32
N ASP D 96 -23.47 25.18 -26.90
CA ASP D 96 -22.58 26.19 -27.46
C ASP D 96 -21.49 26.20 -26.38
N TYR D 97 -20.42 25.44 -26.58
CA TYR D 97 -19.43 25.30 -25.53
C TYR D 97 -17.96 25.47 -25.86
N GLY D 98 -17.15 25.60 -24.79
CA GLY D 98 -15.71 25.74 -24.89
C GLY D 98 -15.04 24.93 -23.79
N ILE D 99 -13.89 24.31 -24.08
CA ILE D 99 -13.16 23.48 -23.11
C ILE D 99 -11.93 24.21 -22.55
N TYR D 100 -11.86 24.30 -21.23
CA TYR D 100 -10.76 24.97 -20.52
C TYR D 100 -10.03 24.09 -19.48
N VAL D 101 -8.77 23.79 -19.74
CA VAL D 101 -7.98 23.00 -18.83
C VAL D 101 -7.08 24.01 -18.06
N ILE D 102 -7.28 24.12 -16.74
CA ILE D 102 -6.52 25.08 -15.91
C ILE D 102 -5.39 24.31 -15.24
N ASN D 103 -4.19 24.48 -15.77
CA ASN D 103 -2.98 23.78 -15.33
C ASN D 103 -2.15 24.51 -14.28
N GLN D 104 -2.00 23.89 -13.11
CA GLN D 104 -1.23 24.47 -12.01
C GLN D 104 0.27 24.35 -12.24
N ALA D 105 0.94 25.48 -12.40
CA ALA D 105 2.40 25.49 -12.58
C ALA D 105 3.05 25.24 -11.23
N GLY D 106 4.24 24.65 -11.23
CA GLY D 106 4.95 24.42 -9.98
C GLY D 106 4.73 23.08 -9.33
N GLU D 107 5.35 22.91 -8.15
CA GLU D 107 5.26 21.66 -7.40
C GLU D 107 4.74 21.84 -5.98
N SER D 108 3.99 22.90 -5.74
CA SER D 108 3.43 23.11 -4.42
C SER D 108 2.14 22.29 -4.34
N MET D 109 1.46 22.40 -3.19
CA MET D 109 0.23 21.66 -2.96
C MET D 109 -0.87 22.01 -3.96
N PHE D 110 -1.49 20.96 -4.49
CA PHE D 110 -2.56 21.13 -5.47
C PHE D 110 -3.72 21.85 -4.85
N ASN D 111 -4.33 22.75 -5.62
CA ASN D 111 -5.46 23.51 -5.12
C ASN D 111 -6.60 23.50 -6.14
N ARG D 112 -7.40 22.43 -6.11
CA ARG D 112 -8.53 22.27 -7.03
C ARG D 112 -9.49 23.46 -7.14
N ALA D 113 -10.01 23.92 -6.02
CA ALA D 113 -10.99 25.00 -6.02
C ALA D 113 -10.51 26.37 -6.53
N LYS D 114 -9.25 26.71 -6.27
CA LYS D 114 -8.70 27.98 -6.74
C LYS D 114 -8.55 27.93 -8.26
N LEU D 115 -8.20 26.76 -8.81
CA LEU D 115 -8.06 26.59 -10.24
C LEU D 115 -9.43 26.76 -10.92
N LEU D 116 -10.50 26.28 -10.27
CA LEU D 116 -11.82 26.43 -10.86
C LEU D 116 -12.19 27.91 -10.93
N ASN D 117 -11.80 28.67 -9.90
CA ASN D 117 -12.05 30.12 -9.84
C ASN D 117 -11.32 30.78 -11.04
N VAL D 118 -10.06 30.43 -11.25
CA VAL D 118 -9.28 30.97 -12.37
C VAL D 118 -9.97 30.72 -13.72
N GLY D 119 -10.48 29.51 -13.93
CA GLY D 119 -11.16 29.19 -15.18
C GLY D 119 -12.38 30.05 -15.41
N PHE D 120 -13.13 30.31 -14.35
CA PHE D 120 -14.31 31.16 -14.47
C PHE D 120 -13.87 32.53 -15.02
N LYS D 121 -12.91 33.14 -14.37
CA LYS D 121 -12.48 34.47 -14.83
C LYS D 121 -11.82 34.48 -16.21
N GLU D 122 -10.94 33.54 -16.48
CA GLU D 122 -10.27 33.47 -17.77
C GLU D 122 -11.20 33.15 -18.93
N ALA D 123 -12.17 32.26 -18.71
CA ALA D 123 -13.09 31.89 -19.79
C ALA D 123 -13.98 33.05 -20.22
N LEU D 124 -14.40 33.85 -19.26
CA LEU D 124 -15.27 34.98 -19.55
C LEU D 124 -14.57 36.03 -20.45
N LYS D 125 -13.24 35.93 -20.58
CA LYS D 125 -12.51 36.87 -21.43
C LYS D 125 -12.68 36.48 -22.91
N ASP D 126 -13.06 35.22 -23.16
CA ASP D 126 -13.24 34.71 -24.52
C ASP D 126 -14.64 34.93 -25.10
N TYR D 127 -15.67 34.79 -24.28
CA TYR D 127 -17.04 34.81 -24.79
C TYR D 127 -18.00 35.07 -23.63
N ASP D 128 -19.21 35.53 -23.91
CA ASP D 128 -20.10 35.79 -22.79
C ASP D 128 -20.86 34.51 -22.42
N TYR D 129 -20.15 33.61 -21.75
CA TYR D 129 -20.71 32.35 -21.28
C TYR D 129 -21.68 32.67 -20.15
N ASN D 130 -22.77 31.91 -20.07
CA ASN D 130 -23.75 32.12 -19.02
C ASN D 130 -23.90 30.88 -18.11
N CYS D 131 -23.12 29.85 -18.39
CA CYS D 131 -23.15 28.60 -17.62
C CYS D 131 -21.73 28.02 -17.46
N PHE D 132 -21.43 27.48 -16.28
CA PHE D 132 -20.12 26.87 -16.00
C PHE D 132 -20.17 25.45 -15.45
N VAL D 133 -19.56 24.53 -16.16
CA VAL D 133 -19.52 23.14 -15.72
C VAL D 133 -18.10 22.89 -15.22
N PHE D 134 -17.98 22.51 -13.95
CA PHE D 134 -16.68 22.24 -13.36
C PHE D 134 -16.52 20.73 -13.34
N SER D 135 -15.56 20.22 -14.11
CA SER D 135 -15.39 18.76 -14.20
C SER D 135 -13.99 18.23 -13.93
N ASP D 136 -13.89 17.20 -13.09
CA ASP D 136 -12.59 16.59 -12.82
C ASP D 136 -12.23 15.94 -14.15
N VAL D 137 -10.94 15.79 -14.39
CA VAL D 137 -10.43 15.30 -15.67
C VAL D 137 -10.62 13.82 -15.89
N ASP D 138 -10.96 13.09 -14.83
CA ASP D 138 -11.12 11.64 -14.95
C ASP D 138 -12.56 11.13 -14.81
N LEU D 139 -13.57 11.97 -15.02
CA LEU D 139 -14.95 11.51 -14.87
C LEU D 139 -15.67 11.58 -16.21
N ILE D 140 -16.26 10.45 -16.61
CA ILE D 140 -16.97 10.34 -17.89
C ILE D 140 -18.43 9.92 -17.70
N PRO D 141 -19.39 10.68 -18.26
CA PRO D 141 -20.77 10.23 -18.06
C PRO D 141 -21.11 9.00 -18.88
N MET D 142 -21.95 8.11 -18.34
CA MET D 142 -22.34 6.90 -19.07
C MET D 142 -23.66 7.02 -19.85
N ASN D 143 -24.34 8.16 -19.74
CA ASN D 143 -25.62 8.36 -20.46
C ASN D 143 -25.72 9.81 -20.93
N ASP D 144 -25.78 10.01 -22.25
CA ASP D 144 -25.84 11.38 -22.76
C ASP D 144 -27.12 12.17 -22.42
N HIS D 145 -28.07 11.55 -21.69
CA HIS D 145 -29.26 12.30 -21.24
C HIS D 145 -28.88 13.10 -19.97
N ASN D 146 -27.66 12.89 -19.46
CA ASN D 146 -27.18 13.62 -18.28
C ASN D 146 -26.55 14.89 -18.89
N THR D 147 -27.37 15.94 -19.06
CA THR D 147 -26.98 17.17 -19.74
C THR D 147 -25.97 18.04 -19.02
N TYR D 148 -24.89 18.39 -19.73
CA TYR D 148 -23.82 19.23 -19.18
C TYR D 148 -24.19 20.70 -19.33
N ARG D 149 -25.22 21.12 -18.59
CA ARG D 149 -25.67 22.50 -18.63
C ARG D 149 -26.28 22.93 -17.29
N CYS D 150 -26.66 24.20 -17.20
CA CYS D 150 -27.20 24.79 -15.98
C CYS D 150 -28.72 24.71 -15.80
N PHE D 151 -29.16 24.70 -14.54
CA PHE D 151 -30.57 24.60 -14.19
C PHE D 151 -31.04 25.73 -13.26
N SER D 152 -32.31 25.70 -12.85
CA SER D 152 -32.81 26.77 -12.00
C SER D 152 -32.12 26.80 -10.64
N GLN D 153 -31.54 25.67 -10.26
CA GLN D 153 -30.78 25.53 -9.02
C GLN D 153 -29.42 24.90 -9.39
N PRO D 154 -28.37 25.10 -8.55
CA PRO D 154 -27.04 24.52 -8.81
C PRO D 154 -27.22 23.02 -9.12
N ARG D 155 -26.52 22.54 -10.15
CA ARG D 155 -26.65 21.15 -10.61
C ARG D 155 -25.47 20.21 -10.32
N HIS D 156 -25.74 19.11 -9.61
CA HIS D 156 -24.74 18.11 -9.31
C HIS D 156 -24.92 17.05 -10.42
N ILE D 157 -23.86 16.86 -11.22
CA ILE D 157 -23.92 15.94 -12.38
C ILE D 157 -23.46 14.49 -12.18
N SER D 158 -22.27 14.27 -11.60
CA SER D 158 -21.76 12.91 -11.40
C SER D 158 -22.38 12.30 -10.14
N VAL D 159 -23.69 12.04 -10.18
CA VAL D 159 -24.41 11.52 -9.04
C VAL D 159 -24.33 10.03 -8.76
N ALA D 160 -24.02 9.22 -9.77
CA ALA D 160 -23.96 7.75 -9.59
C ALA D 160 -22.65 7.17 -10.16
N MET D 161 -21.55 7.42 -9.46
CA MET D 161 -20.22 6.98 -9.86
C MET D 161 -19.98 5.48 -9.59
N ASP D 162 -19.29 4.81 -10.52
CA ASP D 162 -19.03 3.39 -10.32
C ASP D 162 -18.23 3.16 -9.04
N LYS D 163 -17.33 4.09 -8.73
CA LYS D 163 -16.52 4.01 -7.52
C LYS D 163 -17.40 3.92 -6.26
N PHE D 164 -18.60 4.50 -6.29
CA PHE D 164 -19.49 4.45 -5.13
C PHE D 164 -20.69 3.51 -5.39
N GLY D 165 -20.49 2.49 -6.22
CA GLY D 165 -21.55 1.55 -6.49
C GLY D 165 -22.74 2.08 -7.27
N PHE D 166 -22.51 3.12 -8.07
CA PHE D 166 -23.55 3.74 -8.88
C PHE D 166 -24.64 4.32 -7.98
N SER D 167 -24.22 4.95 -6.91
CA SER D 167 -25.10 5.59 -5.96
C SER D 167 -24.41 6.82 -5.40
N LEU D 168 -25.19 7.76 -4.89
CA LEU D 168 -24.62 8.96 -4.29
C LEU D 168 -23.92 8.52 -2.98
N PRO D 169 -22.68 8.96 -2.73
CA PRO D 169 -22.04 8.54 -1.48
C PRO D 169 -22.74 9.10 -0.21
N TYR D 170 -23.27 10.33 -0.31
CA TYR D 170 -24.03 11.02 0.75
C TYR D 170 -24.80 12.15 0.08
N VAL D 171 -25.97 12.45 0.59
CA VAL D 171 -26.81 13.48 -0.02
C VAL D 171 -26.22 14.89 -0.04
N GLN D 172 -25.23 15.17 0.81
CA GLN D 172 -24.59 16.49 0.86
C GLN D 172 -23.35 16.59 -0.07
N TYR D 173 -23.20 15.62 -0.95
CA TYR D 173 -22.04 15.57 -1.83
C TYR D 173 -22.16 16.46 -3.10
N PHE D 174 -21.19 17.34 -3.31
CA PHE D 174 -21.21 18.22 -4.49
C PHE D 174 -19.90 18.11 -5.27
N GLY D 175 -19.20 16.98 -5.14
CA GLY D 175 -17.93 16.83 -5.85
C GLY D 175 -18.01 16.15 -7.20
N GLY D 176 -16.88 16.12 -7.92
CA GLY D 176 -16.80 15.45 -9.21
C GLY D 176 -17.13 16.32 -10.40
N VAL D 177 -18.41 16.35 -10.76
CA VAL D 177 -18.87 17.19 -11.83
C VAL D 177 -20.12 17.94 -11.37
N SER D 178 -20.10 19.26 -11.50
CA SER D 178 -21.24 20.09 -11.13
C SER D 178 -21.29 21.28 -12.11
N ALA D 179 -22.36 22.07 -12.01
CA ALA D 179 -22.54 23.23 -12.87
C ALA D 179 -23.27 24.35 -12.13
N LEU D 180 -22.88 25.59 -12.43
CA LEU D 180 -23.51 26.76 -11.84
C LEU D 180 -23.70 27.83 -12.91
N SER D 181 -24.86 28.48 -12.93
CA SER D 181 -25.07 29.56 -13.88
C SER D 181 -24.12 30.66 -13.41
N LYS D 182 -23.89 31.65 -14.27
CA LYS D 182 -23.01 32.77 -13.91
C LYS D 182 -23.58 33.47 -12.66
N GLN D 183 -24.88 33.71 -12.63
CA GLN D 183 -25.48 34.36 -11.46
C GLN D 183 -25.35 33.52 -10.19
N GLN D 184 -25.55 32.20 -10.29
CA GLN D 184 -25.43 31.35 -9.09
C GLN D 184 -24.00 31.39 -8.52
N PHE D 185 -23.00 31.36 -9.41
CA PHE D 185 -21.58 31.39 -9.01
C PHE D 185 -21.19 32.70 -8.30
N LEU D 186 -21.61 33.80 -8.90
CA LEU D 186 -21.34 35.12 -8.37
C LEU D 186 -22.04 35.30 -7.00
N SER D 187 -23.26 34.77 -6.85
CA SER D 187 -23.95 34.97 -5.57
C SER D 187 -23.30 34.31 -4.36
N ILE D 188 -22.38 33.36 -4.57
CA ILE D 188 -21.72 32.73 -3.44
C ILE D 188 -20.26 33.20 -3.31
N ASN D 189 -19.92 34.27 -4.03
CA ASN D 189 -18.54 34.81 -4.03
C ASN D 189 -17.61 33.73 -4.62
N GLY D 190 -18.13 32.96 -5.56
CA GLY D 190 -17.31 31.92 -6.16
C GLY D 190 -16.94 30.83 -5.18
N PHE D 191 -15.82 30.16 -5.43
CA PHE D 191 -15.35 29.07 -4.58
C PHE D 191 -14.18 29.52 -3.67
N PRO D 192 -13.91 28.77 -2.57
CA PRO D 192 -12.80 29.13 -1.66
C PRO D 192 -11.42 29.00 -2.28
N ASN D 193 -10.46 29.82 -1.84
CA ASN D 193 -9.10 29.74 -2.39
C ASN D 193 -8.16 29.13 -1.38
N ASN D 194 -8.63 28.93 -0.16
CA ASN D 194 -7.76 28.41 0.87
C ASN D 194 -7.75 26.93 1.25
N TYR D 195 -8.15 26.07 0.33
CA TYR D 195 -8.12 24.62 0.56
C TYR D 195 -6.98 24.06 -0.30
N CYS D 196 -5.88 23.65 0.33
CA CYS D 196 -4.74 23.08 -0.39
C CYS D 196 -4.65 21.60 -0.01
N GLY D 197 -4.31 20.76 -0.97
CA GLY D 197 -4.29 19.34 -0.69
C GLY D 197 -5.72 18.81 -0.87
N TRP D 198 -5.88 17.50 -0.81
CA TRP D 198 -7.19 16.86 -1.05
C TRP D 198 -8.29 16.96 0.02
N GLY D 199 -9.53 17.12 -0.43
CA GLY D 199 -10.68 17.13 0.47
C GLY D 199 -11.30 18.39 1.04
N GLY D 200 -12.61 18.31 1.24
CA GLY D 200 -13.37 19.40 1.85
C GLY D 200 -13.79 20.62 1.06
N GLU D 201 -13.09 20.94 -0.02
CA GLU D 201 -13.47 22.12 -0.78
C GLU D 201 -14.86 21.98 -1.42
N ASP D 202 -15.21 20.79 -1.87
CA ASP D 202 -16.52 20.61 -2.46
C ASP D 202 -17.60 20.67 -1.36
N ASP D 203 -17.24 20.28 -0.13
CA ASP D 203 -18.20 20.36 0.98
C ASP D 203 -18.40 21.85 1.36
N ASP D 204 -17.33 22.62 1.29
CA ASP D 204 -17.39 24.08 1.55
C ASP D 204 -18.33 24.72 0.52
N ILE D 205 -18.17 24.36 -0.75
CA ILE D 205 -19.04 24.90 -1.81
C ILE D 205 -20.50 24.54 -1.53
N TYR D 206 -20.77 23.29 -1.13
CA TYR D 206 -22.13 22.84 -0.78
C TYR D 206 -22.70 23.76 0.31
N ASN D 207 -21.88 24.07 1.31
CA ASN D 207 -22.31 24.95 2.41
C ASN D 207 -22.64 26.36 1.88
N ARG D 208 -21.83 26.88 0.97
CA ARG D 208 -22.09 28.22 0.41
C ARG D 208 -23.49 28.28 -0.23
N LEU D 209 -23.82 27.29 -1.04
CA LEU D 209 -25.13 27.22 -1.71
C LEU D 209 -26.24 27.24 -0.67
N ALA D 210 -26.09 26.44 0.38
CA ALA D 210 -27.10 26.39 1.43
C ALA D 210 -27.27 27.75 2.11
N PHE D 211 -26.18 28.34 2.53
CA PHE D 211 -26.24 29.64 3.19
C PHE D 211 -26.88 30.69 2.30
N ARG D 212 -26.64 30.62 0.99
CA ARG D 212 -27.26 31.59 0.11
C ARG D 212 -28.68 31.17 -0.29
N GLY D 213 -29.23 30.15 0.36
CA GLY D 213 -30.59 29.75 0.06
C GLY D 213 -30.87 28.91 -1.17
N MET D 214 -29.85 28.33 -1.80
CA MET D 214 -30.09 27.50 -2.98
C MET D 214 -30.11 26.02 -2.60
N SER D 215 -30.73 25.19 -3.45
CA SER D 215 -30.82 23.75 -3.21
C SER D 215 -29.96 23.08 -4.28
N VAL D 216 -29.96 21.75 -4.31
CA VAL D 216 -29.17 20.99 -5.29
C VAL D 216 -30.09 20.22 -6.25
N SER D 217 -29.92 20.47 -7.54
CA SER D 217 -30.72 19.77 -8.56
C SER D 217 -29.90 18.57 -9.11
N ARG D 218 -30.57 17.43 -9.31
CA ARG D 218 -29.90 16.22 -9.79
C ARG D 218 -30.73 15.38 -10.76
N PRO D 219 -30.05 14.71 -11.73
CA PRO D 219 -30.72 13.84 -12.71
C PRO D 219 -30.99 12.56 -11.93
N ASN D 220 -31.90 11.67 -12.37
CA ASN D 220 -32.07 10.47 -11.56
C ASN D 220 -30.83 9.59 -11.65
N ALA D 221 -30.68 8.71 -10.65
CA ALA D 221 -29.51 7.84 -10.55
C ALA D 221 -29.21 6.96 -11.77
N VAL D 222 -30.25 6.62 -12.55
CA VAL D 222 -30.01 5.78 -13.72
C VAL D 222 -29.36 6.57 -14.84
N ILE D 223 -29.82 7.79 -15.14
CA ILE D 223 -29.13 8.51 -16.21
C ILE D 223 -27.86 9.21 -15.68
N GLY D 224 -27.70 9.24 -14.36
CA GLY D 224 -26.54 9.86 -13.77
C GLY D 224 -25.31 8.96 -13.64
N LYS D 225 -25.40 7.70 -14.08
CA LYS D 225 -24.26 6.79 -14.00
C LYS D 225 -23.00 7.41 -14.60
N THR D 226 -21.89 7.30 -13.88
CA THR D 226 -20.64 7.91 -14.29
C THR D 226 -19.43 7.04 -13.96
N ARG D 227 -18.42 7.01 -14.82
CA ARG D 227 -17.21 6.23 -14.51
C ARG D 227 -16.01 7.11 -14.15
N MET D 228 -15.18 6.65 -13.21
CA MET D 228 -13.96 7.38 -12.88
C MET D 228 -12.78 6.53 -13.32
N ILE D 229 -11.82 7.10 -14.04
CA ILE D 229 -10.62 6.34 -14.38
C ILE D 229 -9.94 6.10 -13.02
N ARG D 230 -9.73 4.84 -12.62
CA ARG D 230 -9.14 4.62 -11.31
C ARG D 230 -7.66 4.96 -11.25
N HIS D 231 -7.24 5.52 -10.14
CA HIS D 231 -5.87 5.99 -9.97
C HIS D 231 -5.51 6.13 -8.49
N SER D 232 -4.22 6.13 -8.17
CA SER D 232 -3.83 6.31 -6.78
C SER D 232 -3.67 7.83 -6.56
N ARG D 233 -3.67 8.25 -5.30
CA ARG D 233 -3.56 9.67 -4.92
C ARG D 233 -2.26 10.28 -5.47
N ASP D 234 -2.36 11.46 -6.08
CA ASP D 234 -1.20 12.14 -6.66
C ASP D 234 -0.29 12.75 -5.60
N LYS D 235 1.01 12.82 -5.90
CA LYS D 235 1.96 13.44 -4.98
C LYS D 235 1.57 14.92 -4.95
N LYS D 236 1.65 15.53 -3.77
CA LYS D 236 1.34 16.93 -3.59
C LYS D 236 -0.16 17.24 -3.54
N ASN D 237 -0.98 16.19 -3.48
CA ASN D 237 -2.41 16.38 -3.27
C ASN D 237 -2.85 15.41 -2.17
N GLU D 238 -2.06 15.32 -1.10
CA GLU D 238 -2.39 14.45 0.03
C GLU D 238 -3.54 15.09 0.85
N PRO D 239 -4.42 14.27 1.44
CA PRO D 239 -5.54 14.77 2.25
C PRO D 239 -5.14 15.92 3.21
N ASN D 240 -5.93 17.00 3.16
CA ASN D 240 -5.69 18.18 3.99
C ASN D 240 -6.15 17.96 5.45
N PRO D 241 -5.22 18.01 6.43
CA PRO D 241 -5.47 17.84 7.87
C PRO D 241 -6.42 18.87 8.46
N GLN D 242 -6.50 20.03 7.81
CA GLN D 242 -7.35 21.11 8.27
C GLN D 242 -8.73 21.13 7.68
N ARG D 243 -9.04 20.24 6.74
CA ARG D 243 -10.36 20.33 6.08
C ARG D 243 -11.61 20.33 6.98
N PHE D 244 -11.64 19.48 8.01
CA PHE D 244 -12.83 19.45 8.87
C PHE D 244 -13.04 20.73 9.68
N ASP D 245 -11.96 21.40 10.07
CA ASP D 245 -12.07 22.66 10.79
C ASP D 245 -12.59 23.73 9.82
N ARG D 246 -12.00 23.77 8.62
CA ARG D 246 -12.40 24.75 7.61
C ARG D 246 -13.86 24.68 7.16
N ILE D 247 -14.40 23.47 6.99
CA ILE D 247 -15.79 23.38 6.54
C ILE D 247 -16.78 23.80 7.61
N ALA D 248 -16.32 23.88 8.87
CA ALA D 248 -17.22 24.27 9.94
C ALA D 248 -17.37 25.79 10.01
N HIS D 249 -16.55 26.53 9.27
CA HIS D 249 -16.64 28.00 9.30
C HIS D 249 -16.98 28.68 7.98
N THR D 250 -17.51 27.91 7.03
CA THR D 250 -17.86 28.48 5.72
C THR D 250 -18.75 29.74 5.79
N LYS D 251 -19.73 29.78 6.67
CA LYS D 251 -20.58 30.98 6.72
C LYS D 251 -19.77 32.26 6.97
N GLU D 252 -18.69 32.14 7.72
CA GLU D 252 -17.87 33.31 7.99
C GLU D 252 -16.89 33.55 6.83
N THR D 253 -16.02 32.57 6.59
CA THR D 253 -15.00 32.70 5.57
C THR D 253 -15.42 32.95 4.11
N MET D 254 -16.65 32.62 3.71
CA MET D 254 -17.07 32.86 2.33
C MET D 254 -17.16 34.35 1.99
N LEU D 255 -17.30 35.18 3.02
CA LEU D 255 -17.38 36.63 2.83
C LEU D 255 -16.06 37.20 2.37
N SER D 256 -14.96 36.61 2.84
CA SER D 256 -13.65 37.15 2.51
C SER D 256 -12.69 36.24 1.74
N ASP D 257 -13.14 35.04 1.38
CA ASP D 257 -12.31 34.12 0.62
C ASP D 257 -13.07 33.68 -0.62
N GLY D 258 -12.54 34.06 -1.78
CA GLY D 258 -13.18 33.70 -3.04
C GLY D 258 -12.88 34.66 -4.19
N LEU D 259 -13.87 34.91 -5.02
CA LEU D 259 -13.69 35.81 -6.16
C LEU D 259 -13.16 37.17 -5.69
N ASN D 260 -13.73 37.71 -4.62
CA ASN D 260 -13.27 38.99 -4.16
C ASN D 260 -11.85 38.98 -3.61
N SER D 261 -11.21 37.83 -3.49
CA SER D 261 -9.84 37.81 -2.98
C SER D 261 -8.91 37.03 -3.90
N LEU D 262 -9.39 36.65 -5.07
CA LEU D 262 -8.56 35.85 -5.99
C LEU D 262 -7.34 36.54 -6.59
N THR D 263 -6.17 35.89 -6.50
CA THR D 263 -4.98 36.46 -7.12
C THR D 263 -4.22 35.35 -7.83
N TYR D 264 -3.62 35.66 -8.97
CA TYR D 264 -2.86 34.66 -9.72
C TYR D 264 -2.11 35.27 -10.91
N MET D 265 -1.20 34.50 -11.49
CA MET D 265 -0.42 34.99 -12.62
C MET D 265 -0.47 33.98 -13.77
N VAL D 266 -0.85 34.45 -14.95
CA VAL D 266 -0.91 33.58 -16.12
C VAL D 266 0.47 33.49 -16.75
N LEU D 267 1.04 32.28 -16.77
CA LEU D 267 2.37 32.05 -17.32
C LEU D 267 2.38 31.65 -18.79
N GLU D 268 1.27 31.13 -19.28
CA GLU D 268 1.18 30.70 -20.67
C GLU D 268 -0.24 30.31 -21.03
N VAL D 269 -0.62 30.60 -22.27
CA VAL D 269 -1.94 30.25 -22.78
C VAL D 269 -1.73 29.44 -24.07
N GLN D 270 -2.31 28.24 -24.10
CA GLN D 270 -2.19 27.42 -25.30
C GLN D 270 -3.54 27.08 -25.94
N ARG D 271 -3.66 27.31 -27.24
CA ARG D 271 -4.88 26.97 -27.96
C ARG D 271 -4.59 25.75 -28.83
N TYR D 272 -5.28 24.64 -28.54
CA TYR D 272 -5.18 23.42 -29.30
C TYR D 272 -6.52 23.21 -30.01
N PRO D 273 -6.57 22.34 -31.02
CA PRO D 273 -7.85 22.13 -31.69
C PRO D 273 -8.96 21.56 -30.80
N LEU D 274 -8.60 20.83 -29.75
CA LEU D 274 -9.65 20.23 -28.90
C LEU D 274 -9.86 20.91 -27.53
N TYR D 275 -8.98 21.83 -27.16
CA TYR D 275 -9.13 22.54 -25.88
C TYR D 275 -8.18 23.71 -25.72
N THR D 276 -8.46 24.55 -24.75
CA THR D 276 -7.61 25.69 -24.38
C THR D 276 -6.97 25.32 -23.04
N LYS D 277 -5.64 25.46 -22.95
CA LYS D 277 -4.92 25.14 -21.73
C LYS D 277 -4.22 26.39 -21.18
N ILE D 278 -4.63 26.80 -19.98
CA ILE D 278 -4.07 27.98 -19.31
C ILE D 278 -3.18 27.58 -18.12
N THR D 279 -1.87 27.86 -18.20
CA THR D 279 -0.94 27.52 -17.11
C THR D 279 -0.79 28.74 -16.19
N VAL D 280 -1.11 28.56 -14.91
CA VAL D 280 -1.09 29.63 -13.92
C VAL D 280 -0.34 29.38 -12.62
N ASP D 281 0.23 30.44 -12.05
CA ASP D 281 0.92 30.34 -10.77
C ASP D 281 -0.10 30.79 -9.73
N ILE D 282 -0.65 29.88 -8.94
CA ILE D 282 -1.61 30.27 -7.91
C ILE D 282 -1.10 30.32 -6.48
N GLY D 283 0.21 30.36 -6.31
CA GLY D 283 0.79 30.45 -4.99
C GLY D 283 0.50 29.31 -4.01
N THR D 284 0.12 29.67 -2.79
CA THR D 284 -0.16 28.69 -1.74
C THR D 284 -1.26 29.15 -0.79
N CYS D 285 -1.68 28.26 0.11
CA CYS D 285 -2.77 28.58 1.04
C CYS D 285 -2.39 29.26 2.35
N SER D 286 -3.32 30.07 2.84
CA SER D 286 -3.17 30.78 4.10
C SER D 286 -4.45 30.53 4.90
CA CA E . -5.14 -34.57 15.55
O1 PG4 F . 6.98 -20.37 8.91
C1 PG4 F . 8.22 -20.25 9.57
C2 PG4 F . 8.19 -20.89 10.95
O2 PG4 F . 8.59 -22.25 10.82
C3 PG4 F . 8.94 -22.86 12.04
C4 PG4 F . 9.64 -24.17 11.77
O3 PG4 F . 8.78 -24.99 11.04
C5 PG4 F . 9.26 -26.30 10.96
C6 PG4 F . 8.18 -27.15 10.30
O4 PG4 F . 8.30 -26.93 8.92
C7 PG4 F . 7.48 -27.75 8.13
C8 PG4 F . 6.44 -26.86 7.48
O5 PG4 F . 5.37 -27.66 7.04
O1 MES G . 10.14 -28.13 18.72
C2 MES G . 11.51 -27.93 19.11
C3 MES G . 12.17 -29.32 19.34
N4 MES G . 11.42 -30.01 20.47
C5 MES G . 9.94 -30.15 20.09
C6 MES G . 9.37 -28.76 19.77
C7 MES G . 11.99 -31.40 20.80
C8 MES G . 12.41 -31.39 22.27
S MES G . 13.14 -32.91 22.90
O1S MES G . 12.19 -34.02 22.75
O2S MES G . 13.44 -32.61 24.30
O3S MES G . 14.33 -33.14 22.10
C2 BGC H . 12.66 -18.80 11.95
C3 BGC H . 13.25 -17.79 10.97
C4 BGC H . 12.34 -17.62 9.77
C5 BGC H . 10.93 -17.25 10.22
C6 BGC H . 9.91 -17.10 9.09
C1 BGC H . 11.24 -18.38 12.31
O1 BGC H . 10.67 -19.34 13.12
O2 BGC H . 13.47 -18.87 13.10
O3 BGC H . 14.51 -18.25 10.53
O4 BGC H . 12.87 -16.60 8.95
O5 BGC H . 10.42 -18.26 11.13
O6 BGC H . 9.91 -18.21 8.20
C1 NGA I . 12.70 -17.50 6.47
C2 NGA I . 13.20 -16.38 5.54
C3 NGA I . 14.62 -16.59 4.91
C4 NGA I . 15.62 -17.34 5.86
C5 NGA I . 14.96 -18.55 6.51
C6 NGA I . 15.63 -19.54 7.46
C7 NGA I . 10.97 -15.69 4.29
C8 NGA I . 10.14 -16.91 4.79
N2 NGA I . 12.29 -15.53 4.68
O3 NGA I . 15.34 -15.41 4.48
O4 NGA I . 15.94 -16.58 6.95
O5 NGA I . 13.57 -18.30 7.12
O6 NGA I . 16.82 -20.13 6.99
O7 NGA I . 10.44 -14.86 3.56
MN MN J . 11.68 -19.13 -0.15
N1 UDP K . 18.62 -21.18 -1.07
C2 UDP K . 19.01 -21.68 -2.33
N3 UDP K . 19.01 -23.06 -2.44
C4 UDP K . 18.65 -23.98 -1.46
C5 UDP K . 18.26 -23.40 -0.19
C6 UDP K . 18.24 -22.08 -0.03
O2 UDP K . 19.33 -20.90 -3.19
O4 UDP K . 18.71 -25.17 -1.69
C1' UDP K . 18.62 -19.68 -0.89
C2' UDP K . 17.63 -18.88 -1.65
O2' UDP K . 18.07 -17.55 -2.02
C3' UDP K . 16.50 -18.93 -0.67
C4' UDP K . 17.18 -18.62 0.70
O4' UDP K . 18.34 -19.47 0.51
O3' UDP K . 15.42 -18.10 -1.02
C5' UDP K . 16.28 -19.03 1.89
O5' UDP K . 15.33 -19.83 1.30
PA UDP K . 14.06 -20.64 1.53
O1A UDP K . 13.30 -20.14 0.35
O2A UDP K . 14.16 -22.11 1.55
O3A UDP K . 13.27 -20.31 2.93
PB UDP K . 12.11 -19.31 3.19
O1B UDP K . 11.76 -19.83 4.64
O2B UDP K . 11.13 -19.65 2.11
O3B UDP K . 12.51 -17.93 2.94
CA CA L . -6.45 -5.32 11.15
O1 PG4 M . -13.58 8.77 -0.70
C1 PG4 M . -13.67 10.02 -0.05
C2 PG4 M . -13.57 9.95 1.48
O2 PG4 M . -12.26 9.54 1.84
C3 PG4 M . -11.68 10.30 2.91
C4 PG4 M . -10.16 10.30 2.76
O3 PG4 M . -9.67 9.01 2.95
C5 PG4 M . -8.26 8.92 2.86
C6 PG4 M . -7.89 7.48 2.50
O4 PG4 M . -7.66 7.45 1.11
C7 PG4 M . -7.89 6.19 0.50
C8 PG4 M . -6.61 5.76 -0.21
O5 PG4 M . -6.23 6.74 -1.16
O1 MES N . -9.64 12.01 11.14
C2 MES N . -9.25 13.33 11.54
C3 MES N . -7.77 13.32 11.94
N4 MES N . -7.63 12.37 13.11
C5 MES N . -8.07 10.97 12.73
C6 MES N . -9.51 11.04 12.22
C7 MES N . -6.23 12.31 13.61
C8 MES N . -6.30 12.89 14.97
S MES N . -4.76 12.96 15.79
O1S MES N . -4.21 11.60 15.87
O2S MES N . -5.08 13.55 17.10
O3S MES N . -3.91 13.85 14.98
C2 BGC O . -14.57 14.67 1.07
C3 BGC O . -14.87 15.29 -0.29
C4 BGC O . -14.93 14.20 -1.35
C5 BGC O . -15.95 13.14 -0.96
C6 BGC O . -15.99 11.98 -1.96
C1 BGC O . -15.60 13.58 1.38
O1 BGC O . -15.25 12.96 2.56
O2 BGC O . -14.61 15.67 2.08
O3 BGC O . -13.85 16.22 -0.61
O4 BGC O . -15.32 14.80 -2.58
O5 BGC O . -15.61 12.59 0.33
O6 BGC O . -14.71 11.43 -2.19
C1 NGA P . -13.40 13.94 -4.16
C2 NGA P . -14.22 14.43 -5.38
C3 NGA P . -13.55 15.58 -6.21
C4 NGA P . -12.72 16.60 -5.35
C5 NGA P . -11.84 15.85 -4.31
C6 NGA P . -11.07 16.41 -3.11
C7 NGA P . -15.23 12.83 -7.21
C8 NGA P . -14.25 13.23 -8.30
N2 NGA P . -15.14 13.42 -5.94
O3 NGA P . -14.42 16.42 -7.01
O4 NGA P . -13.55 17.33 -4.55
O5 NGA P . -12.53 14.75 -3.56
O6 NGA P . -10.39 17.58 -3.25
O7 NGA P . -16.07 11.97 -7.47
MN MN Q . -10.17 10.93 -9.25
N1 UDP R . -5.96 16.90 -10.08
C2 UDP R . -4.94 16.91 -11.08
N3 UDP R . -3.67 16.62 -10.61
C4 UDP R . -3.30 16.31 -9.28
C5 UDP R . -4.38 16.31 -8.35
C6 UDP R . -5.63 16.59 -8.75
O2 UDP R . -5.23 17.19 -12.21
O4 UDP R . -2.14 16.08 -9.02
C1' UDP R . -7.34 17.25 -10.54
C2' UDP R . -8.08 16.31 -11.42
O2' UDP R . -9.00 16.99 -12.34
C3' UDP R . -8.77 15.49 -10.36
C4' UDP R . -9.27 16.55 -9.31
O4' UDP R . -8.11 17.37 -9.31
O3' UDP R . -9.80 14.68 -10.94
C5' UDP R . -9.59 15.90 -7.92
O5' UDP R . -9.00 14.67 -8.01
PA UDP R . -8.77 13.31 -7.35
O1A UDP R . -8.98 12.50 -8.57
O2A UDP R . -7.47 12.97 -6.72
O3A UDP R . -9.84 12.92 -6.19
PB UDP R . -11.13 12.04 -6.24
O1B UDP R . -11.29 11.93 -4.68
O2B UDP R . -10.69 10.86 -7.00
O3B UDP R . -12.18 12.61 -7.03
#